data_3D4J
#
_entry.id   3D4J
#
_cell.length_a   86.960
_cell.length_b   53.190
_cell.length_c   97.790
_cell.angle_alpha   90.00
_cell.angle_beta   107.25
_cell.angle_gamma   90.00
#
_symmetry.space_group_name_H-M   'P 1 21 1'
#
loop_
_entity.id
_entity.type
_entity.pdbx_description
1 polymer 'Diphosphomevalonate decarboxylase'
2 non-polymer 'SULFATE ION'
3 water water
#
_entity_poly.entity_id   1
_entity_poly.type   'polypeptide(L)'
_entity_poly.pdbx_seq_one_letter_code
;MASEKPLAAVTCTAPVNIAVIKYWGKRDEELVLPINSSLSVTLHQDQLKTTTTAVISKDFTEDRIWLNGREEDVGQPRLQ
ACLREIRCLARKRRNSRDGDPLPSSLSCKVHVASVNNFPTAAGLASSAAGYACLAYTLARVYGVESDLSEVARRGSGSAC
RSLYGGFVEWQMGEQADGKDSIARQVAPESHWPELRVLILVVSAEKKLTGSTVGMRASVETSPLLRFRAESVVPARMAEM
ARCIRERDFPSFAQLTMKDSNQFHATCLDTFPPISYLNAISWRIIHLVHRFNAHHGDTKVAYTFDAGPNAVIFTLDDTVA
EFVAAVWHGFPPGSNGDTFLKGLQVRPAPLSAELQAALAMEPTPGGVKYIIVTQVGPGPQILDDPCAHLLGPDGLPKPAA
;
_entity_poly.pdbx_strand_id   A,B
#
loop_
_chem_comp.id
_chem_comp.type
_chem_comp.name
_chem_comp.formula
SO4 non-polymer 'SULFATE ION' 'O4 S -2'
#
# COMPACT_ATOMS: atom_id res chain seq x y z
N ALA A 8 -36.58 30.90 18.96
CA ALA A 8 -35.75 31.47 17.85
C ALA A 8 -34.71 30.48 17.36
N ALA A 9 -34.70 30.24 16.06
CA ALA A 9 -33.76 29.32 15.46
C ALA A 9 -32.37 29.93 15.36
N VAL A 10 -31.36 29.06 15.36
CA VAL A 10 -29.97 29.49 15.24
C VAL A 10 -29.32 28.67 14.14
N THR A 11 -28.48 29.31 13.32
CA THR A 11 -27.81 28.59 12.24
C THR A 11 -26.34 28.94 12.08
N CYS A 12 -25.51 27.89 12.02
CA CYS A 12 -24.08 28.03 11.85
C CYS A 12 -23.58 27.20 10.67
N THR A 13 -22.35 27.43 10.26
CA THR A 13 -21.74 26.65 9.18
C THR A 13 -20.41 26.17 9.70
N ALA A 14 -19.96 25.02 9.22
CA ALA A 14 -18.69 24.47 9.65
C ALA A 14 -17.92 23.95 8.45
N PRO A 15 -16.59 23.92 8.54
CA PRO A 15 -15.72 23.46 7.47
C PRO A 15 -15.23 22.01 7.63
N VAL A 16 -14.68 21.47 6.55
CA VAL A 16 -14.09 20.15 6.59
C VAL A 16 -12.60 20.49 6.73
N ASN A 17 -11.77 19.51 7.03
CA ASN A 17 -10.35 19.77 7.14
C ASN A 17 -9.62 18.55 6.63
N ILE A 18 -8.41 18.78 6.14
CA ILE A 18 -7.61 17.69 5.62
C ILE A 18 -6.42 17.43 6.54
N ALA A 19 -6.30 16.21 7.03
CA ALA A 19 -5.20 15.88 7.92
C ALA A 19 -3.90 15.72 7.13
N VAL A 20 -2.87 16.48 7.53
CA VAL A 20 -1.56 16.40 6.87
C VAL A 20 -0.68 15.44 7.69
N ILE A 21 -0.97 15.36 9.00
CA ILE A 21 -0.30 14.40 9.86
C ILE A 21 -1.54 13.58 10.22
N LYS A 22 -1.64 12.40 9.64
CA LYS A 22 -2.82 11.59 9.80
C LYS A 22 -3.18 10.94 11.12
N TYR A 23 -4.47 11.01 11.39
CA TYR A 23 -5.08 10.42 12.55
C TYR A 23 -5.55 9.04 12.08
N TRP A 24 -5.01 7.99 12.69
CA TRP A 24 -5.42 6.65 12.32
C TRP A 24 -5.16 5.68 13.46
N GLY A 25 -6.24 5.38 14.19
CA GLY A 25 -6.13 4.45 15.31
C GLY A 25 -6.50 5.03 16.66
N LYS A 26 -7.40 4.36 17.36
CA LYS A 26 -7.84 4.81 18.68
C LYS A 26 -7.20 3.98 19.79
N ARG A 27 -6.99 4.59 20.95
CA ARG A 27 -6.43 3.87 22.10
C ARG A 27 -7.59 3.61 23.07
N ASP A 28 -8.72 4.26 22.79
CA ASP A 28 -9.95 4.15 23.58
C ASP A 28 -11.13 4.46 22.65
N GLU A 29 -11.88 3.43 22.27
CA GLU A 29 -13.02 3.55 21.36
C GLU A 29 -14.22 4.25 21.99
N GLU A 30 -14.26 4.26 23.32
CA GLU A 30 -15.36 4.87 24.08
C GLU A 30 -15.31 6.39 24.11
N LEU A 31 -14.22 6.94 24.63
CA LEU A 31 -14.04 8.38 24.74
C LEU A 31 -13.50 8.92 23.42
N VAL A 32 -13.13 8.02 22.51
CA VAL A 32 -12.58 8.39 21.22
C VAL A 32 -11.25 9.11 21.38
N LEU A 33 -10.22 8.36 21.78
CA LEU A 33 -8.89 8.92 21.97
C LEU A 33 -7.93 8.22 21.01
N PRO A 34 -7.17 9.01 20.24
CA PRO A 34 -6.20 8.56 19.24
C PRO A 34 -4.88 8.07 19.83
N ILE A 35 -4.22 7.16 19.13
CA ILE A 35 -2.93 6.63 19.57
C ILE A 35 -1.82 7.61 19.25
N ASN A 36 -2.16 8.66 18.50
CA ASN A 36 -1.21 9.70 18.14
C ASN A 36 -1.96 10.99 17.83
N SER A 37 -1.24 12.11 17.89
CA SER A 37 -1.82 13.41 17.61
C SER A 37 -1.88 13.60 16.10
N SER A 38 -2.62 14.61 15.66
CA SER A 38 -2.76 14.88 14.24
C SER A 38 -2.79 16.38 13.96
N LEU A 39 -2.36 16.77 12.77
CA LEU A 39 -2.33 18.19 12.37
C LEU A 39 -3.06 18.29 11.03
N SER A 40 -3.96 19.25 10.91
CA SER A 40 -4.74 19.41 9.68
C SER A 40 -4.91 20.85 9.24
N VAL A 41 -5.43 21.01 8.03
CA VAL A 41 -5.69 22.31 7.45
C VAL A 41 -7.21 22.47 7.25
N THR A 42 -7.74 23.58 7.73
CA THR A 42 -9.16 23.87 7.62
C THR A 42 -9.43 24.46 6.23
N LEU A 43 -10.33 23.83 5.49
CA LEU A 43 -10.66 24.30 4.14
C LEU A 43 -11.70 25.40 4.24
N HIS A 44 -11.77 26.27 3.24
CA HIS A 44 -12.69 27.40 3.26
C HIS A 44 -14.17 27.15 3.03
N GLN A 45 -14.98 27.61 3.98
CA GLN A 45 -16.42 27.46 3.90
C GLN A 45 -17.01 28.10 2.65
N ASP A 46 -16.25 28.96 1.98
CA ASP A 46 -16.74 29.57 0.74
C ASP A 46 -17.02 28.44 -0.26
N GLN A 47 -16.13 27.45 -0.28
CA GLN A 47 -16.25 26.31 -1.17
C GLN A 47 -17.01 25.13 -0.57
N LEU A 48 -16.58 24.69 0.60
CA LEU A 48 -17.21 23.55 1.25
C LEU A 48 -17.71 23.88 2.64
N LYS A 49 -18.92 23.46 2.95
CA LYS A 49 -19.48 23.73 4.28
C LYS A 49 -20.67 22.87 4.64
N THR A 50 -20.93 22.83 5.94
CA THR A 50 -22.06 22.11 6.49
C THR A 50 -22.92 23.19 7.16
N THR A 51 -24.19 23.27 6.78
CA THR A 51 -25.08 24.24 7.39
C THR A 51 -25.89 23.49 8.44
N THR A 52 -26.04 24.07 9.62
CA THR A 52 -26.79 23.43 10.70
C THR A 52 -27.70 24.41 11.42
N THR A 53 -28.96 24.01 11.59
CA THR A 53 -29.97 24.81 12.26
C THR A 53 -30.54 24.07 13.46
N ALA A 54 -30.66 24.76 14.58
CA ALA A 54 -31.20 24.19 15.80
C ALA A 54 -32.25 25.12 16.41
N VAL A 55 -33.28 24.51 17.02
CA VAL A 55 -34.36 25.25 17.69
C VAL A 55 -34.72 24.47 18.94
N ILE A 56 -35.09 25.17 20.01
CA ILE A 56 -35.41 24.46 21.24
C ILE A 56 -36.74 24.69 21.92
N SER A 57 -37.26 23.60 22.46
CA SER A 57 -38.47 23.62 23.26
C SER A 57 -39.88 23.76 22.72
N LYS A 58 -40.74 24.10 23.69
CA LYS A 58 -42.20 24.27 23.62
C LYS A 58 -42.77 22.92 23.81
N ASP A 59 -41.98 22.13 24.55
CA ASP A 59 -42.28 20.73 24.80
C ASP A 59 -42.35 20.10 23.41
N PHE A 60 -41.20 20.14 22.72
CA PHE A 60 -41.09 19.59 21.38
C PHE A 60 -41.44 18.11 21.28
N THR A 61 -41.66 17.68 20.05
CA THR A 61 -41.98 16.29 19.77
C THR A 61 -40.66 15.51 19.85
N GLU A 62 -40.07 15.49 21.06
CA GLU A 62 -38.81 14.77 21.40
C GLU A 62 -37.53 15.47 20.85
N ASP A 63 -36.46 14.68 20.70
CA ASP A 63 -35.21 15.17 20.14
C ASP A 63 -35.19 14.50 18.76
N ARG A 64 -35.12 15.30 17.70
CA ARG A 64 -35.08 14.77 16.34
C ARG A 64 -34.05 15.52 15.53
N ILE A 65 -33.22 14.78 14.81
CA ILE A 65 -32.18 15.38 13.98
C ILE A 65 -32.31 14.96 12.53
N TRP A 66 -32.23 15.95 11.64
CA TRP A 66 -32.34 15.70 10.21
C TRP A 66 -31.01 15.99 9.52
N LEU A 67 -30.64 15.15 8.56
CA LEU A 67 -29.39 15.31 7.82
C LEU A 67 -29.67 15.11 6.34
N ASN A 68 -29.53 16.17 5.55
CA ASN A 68 -29.76 16.10 4.12
C ASN A 68 -31.18 15.71 3.79
N GLY A 69 -31.92 15.24 4.79
CA GLY A 69 -33.29 14.83 4.58
C GLY A 69 -33.69 13.69 5.48
N ARG A 70 -32.97 12.58 5.39
CA ARG A 70 -33.24 11.41 6.22
C ARG A 70 -33.23 11.79 7.69
N GLU A 71 -34.25 11.35 8.43
CA GLU A 71 -34.35 11.68 9.84
C GLU A 71 -33.64 10.63 10.71
N GLU A 72 -32.32 10.75 10.82
CA GLU A 72 -31.54 9.81 11.63
C GLU A 72 -32.13 9.69 13.03
N ASP A 73 -31.65 8.72 13.80
CA ASP A 73 -32.14 8.48 15.15
C ASP A 73 -31.18 8.96 16.24
N VAL A 74 -31.76 9.56 17.29
CA VAL A 74 -30.98 10.08 18.42
C VAL A 74 -30.35 8.95 19.25
N GLY A 75 -30.78 7.73 18.99
CA GLY A 75 -30.26 6.57 19.72
C GLY A 75 -28.82 6.27 19.39
N GLN A 76 -28.42 6.60 18.17
CA GLN A 76 -27.05 6.37 17.72
C GLN A 76 -26.13 6.73 18.88
N PRO A 77 -25.29 5.77 19.31
CA PRO A 77 -24.37 6.01 20.42
C PRO A 77 -23.54 7.29 20.28
N ARG A 78 -23.20 7.64 19.04
CA ARG A 78 -22.40 8.83 18.76
C ARG A 78 -23.15 10.11 19.12
N LEU A 79 -24.34 10.30 18.56
CA LEU A 79 -25.15 11.48 18.87
C LEU A 79 -25.35 11.58 20.37
N GLN A 80 -25.68 10.43 20.97
CA GLN A 80 -25.91 10.38 22.40
C GLN A 80 -24.74 11.02 23.14
N ALA A 81 -23.54 10.53 22.89
CA ALA A 81 -22.34 11.06 23.55
C ALA A 81 -22.20 12.57 23.31
N CYS A 82 -22.53 13.00 22.10
CA CYS A 82 -22.43 14.42 21.77
C CYS A 82 -23.47 15.23 22.51
N LEU A 83 -24.73 14.81 22.37
CA LEU A 83 -25.85 15.48 23.03
C LEU A 83 -25.62 15.54 24.52
N ARG A 84 -24.88 14.57 25.04
CA ARG A 84 -24.58 14.52 26.47
C ARG A 84 -23.60 15.63 26.85
N GLU A 85 -22.43 15.63 26.25
CA GLU A 85 -21.40 16.63 26.53
C GLU A 85 -21.94 18.05 26.55
N ILE A 86 -22.71 18.42 25.54
CA ILE A 86 -23.28 19.76 25.46
C ILE A 86 -24.22 20.03 26.62
N ARG A 87 -25.10 19.07 26.88
CA ARG A 87 -26.08 19.20 27.96
C ARG A 87 -25.42 19.09 29.32
N CYS A 88 -24.37 18.30 29.41
CA CYS A 88 -23.63 18.13 30.65
C CYS A 88 -22.85 19.42 30.91
N LEU A 89 -22.54 20.14 29.83
CA LEU A 89 -21.79 21.39 29.90
C LEU A 89 -22.69 22.60 30.15
N ALA A 90 -24.00 22.39 30.15
CA ALA A 90 -24.95 23.47 30.38
C ALA A 90 -24.98 23.94 31.83
N ARG A 91 -23.90 23.72 32.57
CA ARG A 91 -23.87 24.12 33.96
C ARG A 91 -22.42 23.78 34.28
N SER A 107 -36.94 24.82 27.35
CA SER A 107 -35.47 24.86 27.58
C SER A 107 -34.92 23.45 27.83
N CYS A 108 -35.56 22.45 27.21
CA CYS A 108 -35.14 21.05 27.37
C CYS A 108 -35.06 20.23 26.07
N LYS A 109 -36.15 20.20 25.30
CA LYS A 109 -36.18 19.42 24.06
C LYS A 109 -35.48 20.14 22.90
N VAL A 110 -34.84 19.39 22.01
CA VAL A 110 -34.11 19.97 20.88
C VAL A 110 -34.46 19.41 19.50
N HIS A 111 -34.28 20.25 18.48
CA HIS A 111 -34.54 19.88 17.08
C HIS A 111 -33.38 20.42 16.23
N VAL A 112 -32.84 19.58 15.36
CA VAL A 112 -31.72 19.96 14.51
C VAL A 112 -31.87 19.45 13.09
N ALA A 113 -31.55 20.30 12.12
CA ALA A 113 -31.61 19.95 10.71
C ALA A 113 -30.32 20.45 10.09
N SER A 114 -29.60 19.57 9.41
CA SER A 114 -28.34 19.97 8.81
C SER A 114 -28.24 19.52 7.36
N VAL A 115 -27.39 20.21 6.61
CA VAL A 115 -27.18 19.93 5.20
C VAL A 115 -25.76 20.37 4.85
N ASN A 116 -25.24 19.89 3.72
CA ASN A 116 -23.90 20.27 3.29
C ASN A 116 -23.88 20.38 1.78
N ASN A 117 -22.85 21.03 1.25
CA ASN A 117 -22.76 21.19 -0.20
C ASN A 117 -21.67 20.36 -0.85
N PHE A 118 -21.20 19.33 -0.15
CA PHE A 118 -20.20 18.47 -0.75
C PHE A 118 -20.79 17.11 -1.09
N PRO A 119 -20.63 16.69 -2.35
CA PRO A 119 -21.16 15.40 -2.78
C PRO A 119 -20.56 14.23 -2.00
N THR A 120 -21.40 13.23 -1.71
CA THR A 120 -20.96 12.05 -0.96
C THR A 120 -19.83 11.37 -1.71
N ALA A 121 -19.64 11.77 -2.97
CA ALA A 121 -18.58 11.22 -3.81
C ALA A 121 -17.32 12.06 -3.64
N ALA A 122 -17.54 13.37 -3.54
CA ALA A 122 -16.47 14.35 -3.37
C ALA A 122 -15.23 13.77 -2.71
N GLY A 123 -15.21 13.79 -1.38
CA GLY A 123 -14.08 13.25 -0.64
C GLY A 123 -14.61 12.61 0.61
N LEU A 124 -13.90 12.75 1.72
CA LEU A 124 -14.33 12.18 2.98
C LEU A 124 -14.62 13.30 3.99
N ALA A 125 -13.91 13.27 5.13
CA ALA A 125 -14.03 14.25 6.20
C ALA A 125 -15.41 14.93 6.33
N SER A 126 -16.48 14.19 6.04
CA SER A 126 -17.82 14.74 6.13
C SER A 126 -18.37 14.60 7.54
N SER A 127 -17.94 13.55 8.23
CA SER A 127 -18.39 13.29 9.59
C SER A 127 -17.90 14.38 10.53
N ALA A 128 -16.59 14.67 10.46
CA ALA A 128 -15.99 15.69 11.31
C ALA A 128 -16.77 16.99 11.17
N ALA A 129 -16.78 17.54 9.96
CA ALA A 129 -17.49 18.77 9.66
C ALA A 129 -18.89 18.77 10.29
N GLY A 130 -19.62 17.68 10.08
CA GLY A 130 -20.97 17.58 10.61
C GLY A 130 -21.06 17.72 12.12
N TYR A 131 -20.21 17.00 12.85
CA TYR A 131 -20.24 17.07 14.30
C TYR A 131 -19.64 18.36 14.86
N ALA A 132 -18.73 18.96 14.10
CA ALA A 132 -18.13 20.21 14.52
C ALA A 132 -19.25 21.26 14.52
N CYS A 133 -20.01 21.30 13.44
CA CYS A 133 -21.11 22.24 13.29
C CYS A 133 -22.20 21.93 14.30
N LEU A 134 -22.37 20.66 14.62
CA LEU A 134 -23.39 20.26 15.58
C LEU A 134 -23.00 20.77 16.95
N ALA A 135 -21.74 20.57 17.33
CA ALA A 135 -21.26 21.03 18.62
C ALA A 135 -21.30 22.54 18.74
N TYR A 136 -20.98 23.23 17.64
CA TYR A 136 -20.94 24.68 17.64
C TYR A 136 -22.34 25.30 17.73
N THR A 137 -23.25 24.83 16.88
CA THR A 137 -24.61 25.34 16.87
C THR A 137 -25.30 25.15 18.22
N LEU A 138 -25.32 23.91 18.69
CA LEU A 138 -25.94 23.59 19.97
C LEU A 138 -25.20 24.28 21.11
N ALA A 139 -23.88 24.39 20.98
CA ALA A 139 -23.06 25.04 22.00
C ALA A 139 -23.66 26.41 22.32
N ARG A 140 -24.13 27.09 21.28
CA ARG A 140 -24.69 28.41 21.46
C ARG A 140 -26.22 28.42 21.52
N VAL A 141 -26.82 27.24 21.60
CA VAL A 141 -28.27 27.15 21.72
C VAL A 141 -28.47 27.07 23.23
N TYR A 142 -27.36 26.85 23.93
CA TYR A 142 -27.35 26.77 25.38
C TYR A 142 -26.44 27.84 25.99
N GLY A 143 -25.76 28.59 25.13
CA GLY A 143 -24.88 29.62 25.62
C GLY A 143 -23.57 29.09 26.18
N VAL A 144 -23.16 27.92 25.73
CA VAL A 144 -21.91 27.31 26.17
C VAL A 144 -20.75 28.09 25.58
N GLU A 145 -20.00 28.77 26.44
CA GLU A 145 -18.86 29.56 26.01
C GLU A 145 -17.58 28.72 26.06
N SER A 146 -17.64 27.64 26.82
CA SER A 146 -16.51 26.73 27.00
C SER A 146 -15.99 26.11 25.70
N ASP A 147 -14.77 25.60 25.76
CA ASP A 147 -14.15 24.94 24.62
C ASP A 147 -14.86 23.59 24.43
N LEU A 148 -15.55 23.42 23.31
CA LEU A 148 -16.27 22.19 23.08
C LEU A 148 -15.57 21.14 22.23
N SER A 149 -14.25 21.03 22.37
CA SER A 149 -13.50 20.03 21.62
C SER A 149 -14.00 18.65 22.00
N GLU A 150 -14.01 18.37 23.30
CA GLU A 150 -14.46 17.09 23.83
C GLU A 150 -15.85 16.75 23.31
N VAL A 151 -16.70 17.76 23.22
CA VAL A 151 -18.06 17.56 22.74
C VAL A 151 -18.07 17.02 21.31
N ALA A 152 -17.30 17.65 20.42
CA ALA A 152 -17.23 17.21 19.03
C ALA A 152 -16.50 15.88 18.89
N ARG A 153 -15.44 15.70 19.67
CA ARG A 153 -14.64 14.48 19.62
C ARG A 153 -15.47 13.23 19.86
N ARG A 154 -16.39 13.29 20.82
CA ARG A 154 -17.24 12.15 21.14
C ARG A 154 -18.16 11.81 19.96
N GLY A 155 -18.46 12.81 19.14
CA GLY A 155 -19.30 12.58 17.99
C GLY A 155 -18.46 12.06 16.83
N SER A 156 -17.31 12.69 16.63
CA SER A 156 -16.35 12.31 15.59
C SER A 156 -14.96 12.79 15.99
N GLY A 157 -14.04 11.86 16.11
CA GLY A 157 -12.69 12.18 16.51
C GLY A 157 -12.10 13.45 15.93
N SER A 158 -11.95 13.48 14.61
CA SER A 158 -11.35 14.62 13.93
C SER A 158 -12.24 15.85 13.84
N ALA A 159 -13.45 15.76 14.40
CA ALA A 159 -14.37 16.89 14.38
C ALA A 159 -13.85 18.09 15.15
N CYS A 160 -13.02 17.83 16.15
CA CYS A 160 -12.48 18.92 16.97
C CYS A 160 -11.52 19.80 16.20
N ARG A 161 -10.91 19.27 15.14
CA ARG A 161 -9.97 20.07 14.35
C ARG A 161 -10.71 21.08 13.48
N SER A 162 -12.01 20.86 13.28
CA SER A 162 -12.79 21.79 12.49
C SER A 162 -13.37 22.93 13.32
N LEU A 163 -12.97 23.00 14.60
CA LEU A 163 -13.46 24.04 15.49
C LEU A 163 -12.74 25.37 15.32
N TYR A 164 -11.59 25.35 14.66
CA TYR A 164 -10.82 26.57 14.43
C TYR A 164 -10.43 26.65 12.98
N GLY A 165 -10.16 27.87 12.50
CA GLY A 165 -9.75 28.06 11.12
C GLY A 165 -8.25 27.98 11.00
N GLY A 166 -7.76 27.81 9.78
CA GLY A 166 -6.32 27.75 9.55
C GLY A 166 -5.68 26.37 9.71
N PHE A 167 -4.67 26.29 10.57
CA PHE A 167 -3.95 25.06 10.82
C PHE A 167 -4.23 24.63 12.23
N VAL A 168 -4.82 23.45 12.36
CA VAL A 168 -5.21 22.92 13.66
C VAL A 168 -4.67 21.54 13.99
N GLU A 169 -4.33 21.36 15.26
CA GLU A 169 -3.80 20.12 15.79
C GLU A 169 -4.80 19.48 16.75
N TRP A 170 -4.86 18.15 16.74
CA TRP A 170 -5.71 17.40 17.66
C TRP A 170 -4.75 16.69 18.58
N GLN A 171 -4.59 17.22 19.79
CA GLN A 171 -3.69 16.65 20.78
C GLN A 171 -4.23 15.32 21.31
N MET A 172 -3.45 14.27 21.15
CA MET A 172 -3.88 12.96 21.59
C MET A 172 -4.30 12.89 23.04
N GLY A 173 -3.73 13.78 23.86
CA GLY A 173 -4.09 13.80 25.26
C GLY A 173 -3.26 12.81 26.07
N GLU A 174 -3.09 13.11 27.34
CA GLU A 174 -2.30 12.28 28.22
C GLU A 174 -3.16 11.71 29.35
N GLN A 175 -4.26 12.40 29.66
CA GLN A 175 -5.16 11.97 30.73
C GLN A 175 -6.15 10.92 30.25
N ALA A 176 -6.18 9.78 30.95
CA ALA A 176 -7.08 8.69 30.60
C ALA A 176 -8.56 9.07 30.64
N ASP A 177 -8.87 10.23 31.23
CA ASP A 177 -10.26 10.68 31.32
C ASP A 177 -10.71 11.38 30.05
N GLY A 178 -9.78 11.51 29.09
CA GLY A 178 -10.08 12.14 27.83
C GLY A 178 -10.62 13.53 28.06
N LYS A 179 -9.77 14.37 28.62
CA LYS A 179 -10.13 15.74 28.93
C LYS A 179 -9.12 16.69 28.32
N ASP A 180 -7.89 16.20 28.17
CA ASP A 180 -6.83 17.00 27.58
C ASP A 180 -6.61 16.61 26.11
N SER A 181 -7.41 15.66 25.62
CA SER A 181 -7.31 15.26 24.23
C SER A 181 -8.19 16.24 23.48
N ILE A 182 -7.67 17.45 23.30
CA ILE A 182 -8.41 18.51 22.64
C ILE A 182 -7.73 19.04 21.38
N ALA A 183 -8.32 20.08 20.81
CA ALA A 183 -7.77 20.69 19.61
C ALA A 183 -7.22 22.08 19.93
N ARG A 184 -6.24 22.52 19.15
CA ARG A 184 -5.64 23.82 19.34
C ARG A 184 -5.14 24.34 18.00
N GLN A 185 -5.32 25.63 17.77
CA GLN A 185 -4.89 26.24 16.53
C GLN A 185 -3.37 26.32 16.50
N VAL A 186 -2.78 25.99 15.36
CA VAL A 186 -1.34 26.06 15.22
C VAL A 186 -1.00 27.39 14.57
N ALA A 187 -1.85 27.81 13.66
CA ALA A 187 -1.69 29.08 12.95
C ALA A 187 -3.03 29.41 12.32
N PRO A 188 -3.44 30.69 12.38
CA PRO A 188 -4.72 31.16 11.82
C PRO A 188 -4.78 31.14 10.28
N GLU A 189 -5.99 31.31 9.75
CA GLU A 189 -6.19 31.30 8.31
C GLU A 189 -5.23 32.22 7.59
N SER A 190 -5.29 33.49 7.96
CA SER A 190 -4.45 34.53 7.37
C SER A 190 -2.96 34.26 7.39
N HIS A 191 -2.54 33.23 8.12
CA HIS A 191 -1.12 32.92 8.21
C HIS A 191 -0.42 32.55 6.89
N TRP A 192 -1.11 31.82 6.02
CA TRP A 192 -0.51 31.41 4.75
C TRP A 192 -1.50 31.67 3.62
N PRO A 193 -1.64 32.94 3.23
CA PRO A 193 -2.56 33.37 2.16
C PRO A 193 -2.33 32.70 0.82
N GLU A 194 -1.10 32.28 0.55
CA GLU A 194 -0.78 31.66 -0.73
C GLU A 194 -1.12 30.19 -0.88
N LEU A 195 -1.16 29.46 0.22
CA LEU A 195 -1.46 28.02 0.15
C LEU A 195 -2.80 27.75 -0.53
N ARG A 196 -2.85 26.69 -1.33
CA ARG A 196 -4.06 26.29 -2.02
C ARG A 196 -4.31 24.79 -1.85
N VAL A 197 -5.57 24.40 -1.89
CA VAL A 197 -5.93 23.01 -1.71
C VAL A 197 -6.83 22.53 -2.83
N LEU A 198 -6.46 21.42 -3.45
CA LEU A 198 -7.27 20.87 -4.54
C LEU A 198 -7.71 19.47 -4.16
N ILE A 199 -8.97 19.16 -4.44
CA ILE A 199 -9.50 17.84 -4.16
C ILE A 199 -9.76 17.28 -5.54
N LEU A 200 -9.07 16.20 -5.90
CA LEU A 200 -9.30 15.59 -7.18
C LEU A 200 -10.18 14.36 -6.94
N VAL A 201 -11.46 14.48 -7.30
CA VAL A 201 -12.41 13.38 -7.13
C VAL A 201 -12.17 12.42 -8.28
N VAL A 202 -11.70 11.22 -7.96
CA VAL A 202 -11.39 10.22 -8.98
C VAL A 202 -12.47 9.19 -9.27
N SER A 203 -12.29 8.49 -10.39
CA SER A 203 -13.21 7.44 -10.76
C SER A 203 -12.96 6.30 -9.77
N ALA A 204 -14.04 5.75 -9.21
CA ALA A 204 -13.91 4.68 -8.23
C ALA A 204 -15.21 3.89 -8.02
N GLU A 205 -15.08 2.57 -7.99
CA GLU A 205 -16.24 1.71 -7.76
C GLU A 205 -16.02 0.94 -6.46
N LYS A 206 -14.83 0.37 -6.34
CA LYS A 206 -14.42 -0.39 -5.16
C LYS A 206 -15.15 0.09 -3.92
N LYS A 207 -15.91 -0.79 -3.29
CA LYS A 207 -16.62 -0.44 -2.06
C LYS A 207 -15.55 -0.32 -0.96
N LEU A 208 -15.42 0.87 -0.38
CA LEU A 208 -14.41 1.10 0.64
C LEU A 208 -14.79 0.66 2.04
N THR A 209 -13.82 0.14 2.78
CA THR A 209 -14.11 -0.27 4.15
C THR A 209 -14.10 1.02 4.96
N GLY A 210 -15.02 1.13 5.92
CA GLY A 210 -15.11 2.33 6.75
C GLY A 210 -13.87 2.60 7.59
N SER A 211 -13.64 3.86 7.90
CA SER A 211 -12.47 4.26 8.67
C SER A 211 -12.54 3.90 10.15
N THR A 212 -13.74 3.85 10.71
CA THR A 212 -13.87 3.51 12.11
C THR A 212 -13.53 2.04 12.26
N VAL A 213 -14.18 1.23 11.44
CA VAL A 213 -13.97 -0.22 11.43
C VAL A 213 -12.53 -0.60 11.05
N GLY A 214 -11.99 0.10 10.05
CA GLY A 214 -10.66 -0.20 9.58
C GLY A 214 -9.49 0.21 10.45
N MET A 215 -9.60 1.35 11.12
CA MET A 215 -8.49 1.77 11.95
C MET A 215 -8.43 0.87 13.17
N ARG A 216 -9.56 0.28 13.52
CA ARG A 216 -9.61 -0.64 14.65
C ARG A 216 -8.80 -1.87 14.29
N ALA A 217 -9.01 -2.41 13.10
CA ALA A 217 -8.28 -3.60 12.67
C ALA A 217 -6.80 -3.32 12.55
N SER A 218 -6.44 -2.09 12.16
CA SER A 218 -5.03 -1.74 12.01
C SER A 218 -4.38 -1.77 13.40
N VAL A 219 -5.10 -1.24 14.37
CA VAL A 219 -4.60 -1.21 15.74
C VAL A 219 -4.45 -2.61 16.32
N GLU A 220 -5.41 -3.48 16.01
CA GLU A 220 -5.37 -4.85 16.50
C GLU A 220 -4.36 -5.74 15.78
N THR A 221 -3.96 -5.36 14.56
CA THR A 221 -3.06 -6.23 13.79
C THR A 221 -1.80 -5.66 13.13
N SER A 222 -1.65 -4.34 13.09
CA SER A 222 -0.48 -3.76 12.41
C SER A 222 0.71 -3.42 13.29
N PRO A 223 1.71 -4.29 13.30
CA PRO A 223 2.88 -4.02 14.13
C PRO A 223 3.57 -2.72 13.69
N LEU A 224 3.39 -2.34 12.42
CA LEU A 224 4.01 -1.10 11.94
C LEU A 224 3.25 0.13 12.44
N LEU A 225 1.95 -0.02 12.66
CA LEU A 225 1.12 1.08 13.14
C LEU A 225 1.54 1.48 14.55
N ARG A 226 1.95 0.50 15.35
CA ARG A 226 2.37 0.78 16.70
C ARG A 226 3.66 1.61 16.69
N PHE A 227 4.58 1.25 15.81
CA PHE A 227 5.86 1.97 15.70
C PHE A 227 5.64 3.38 15.18
N ARG A 228 4.67 3.53 14.27
CA ARG A 228 4.36 4.83 13.70
C ARG A 228 3.96 5.82 14.81
N ALA A 229 3.05 5.40 15.68
CA ALA A 229 2.56 6.25 16.76
C ALA A 229 3.56 6.49 17.89
N GLU A 230 4.28 5.45 18.28
CA GLU A 230 5.24 5.54 19.36
C GLU A 230 6.47 6.37 19.01
N SER A 231 7.14 6.02 17.92
CA SER A 231 8.35 6.72 17.53
C SER A 231 8.43 7.40 16.18
N VAL A 232 7.31 7.81 15.61
CA VAL A 232 7.36 8.48 14.32
C VAL A 232 6.58 9.80 14.32
N VAL A 233 5.30 9.72 14.65
CA VAL A 233 4.41 10.86 14.65
C VAL A 233 4.83 12.05 15.52
N PRO A 234 5.09 11.81 16.82
CA PRO A 234 5.49 12.93 17.69
C PRO A 234 6.49 13.87 17.02
N ALA A 235 7.55 13.31 16.45
CA ALA A 235 8.53 14.15 15.80
C ALA A 235 7.96 14.84 14.57
N ARG A 236 7.16 14.11 13.79
CA ARG A 236 6.57 14.69 12.59
C ARG A 236 5.63 15.83 12.92
N MET A 237 4.87 15.67 14.01
CA MET A 237 3.97 16.73 14.46
C MET A 237 4.75 18.03 14.70
N ALA A 238 5.86 17.91 15.43
CA ALA A 238 6.71 19.05 15.74
C ALA A 238 7.30 19.63 14.47
N GLU A 239 7.81 18.75 13.62
CA GLU A 239 8.40 19.17 12.35
C GLU A 239 7.38 19.87 11.46
N MET A 240 6.14 19.37 11.43
CA MET A 240 5.07 19.94 10.62
C MET A 240 4.61 21.30 11.15
N ALA A 241 4.59 21.44 12.48
CA ALA A 241 4.16 22.70 13.08
C ALA A 241 5.19 23.75 12.71
N ARG A 242 6.45 23.32 12.64
CA ARG A 242 7.55 24.21 12.29
C ARG A 242 7.45 24.65 10.84
N CYS A 243 7.15 23.71 9.94
CA CYS A 243 7.05 24.01 8.51
C CYS A 243 5.94 25.02 8.26
N ILE A 244 4.89 24.97 9.06
CA ILE A 244 3.77 25.88 8.89
C ILE A 244 4.11 27.28 9.37
N ARG A 245 4.71 27.40 10.57
CA ARG A 245 5.07 28.71 11.11
C ARG A 245 6.01 29.43 10.17
N GLU A 246 7.01 28.72 9.66
CA GLU A 246 7.98 29.30 8.74
C GLU A 246 7.49 29.41 7.30
N ARG A 247 6.33 28.83 7.00
CA ARG A 247 5.79 28.86 5.65
C ARG A 247 6.79 28.24 4.66
N ASP A 248 7.42 27.15 5.08
CA ASP A 248 8.39 26.43 4.27
C ASP A 248 7.61 25.39 3.47
N PHE A 249 7.28 25.69 2.21
CA PHE A 249 6.49 24.75 1.43
C PHE A 249 7.16 23.40 1.13
N PRO A 250 8.33 23.42 0.49
CA PRO A 250 8.98 22.14 0.20
C PRO A 250 9.02 21.19 1.38
N SER A 251 9.32 21.71 2.57
CA SER A 251 9.36 20.86 3.77
C SER A 251 7.95 20.40 4.15
N PHE A 252 6.98 21.30 3.98
CA PHE A 252 5.59 21.02 4.27
C PHE A 252 5.10 19.92 3.33
N ALA A 253 5.33 20.13 2.04
CA ALA A 253 4.91 19.20 1.00
C ALA A 253 5.51 17.80 1.21
N GLN A 254 6.82 17.72 1.37
CA GLN A 254 7.47 16.43 1.58
C GLN A 254 6.84 15.68 2.74
N LEU A 255 6.79 16.33 3.90
CA LEU A 255 6.23 15.75 5.11
C LEU A 255 4.83 15.22 4.86
N THR A 256 4.02 16.02 4.19
CA THR A 256 2.64 15.63 3.91
C THR A 256 2.58 14.34 3.09
N MET A 257 3.42 14.24 2.05
CA MET A 257 3.42 13.02 1.22
C MET A 257 3.94 11.81 1.99
N LYS A 258 5.01 11.98 2.76
CA LYS A 258 5.54 10.85 3.51
C LYS A 258 4.54 10.34 4.56
N ASP A 259 3.77 11.25 5.13
CA ASP A 259 2.82 10.83 6.15
C ASP A 259 1.56 10.24 5.53
N SER A 260 1.21 10.69 4.33
CA SER A 260 0.05 10.12 3.65
C SER A 260 0.45 8.69 3.30
N ASN A 261 1.65 8.57 2.76
CA ASN A 261 2.14 7.26 2.33
C ASN A 261 2.27 6.27 3.46
N GLN A 262 2.68 6.75 4.63
CA GLN A 262 2.83 5.87 5.77
C GLN A 262 1.47 5.40 6.29
N PHE A 263 0.48 6.29 6.26
CA PHE A 263 -0.86 5.93 6.72
C PHE A 263 -1.32 4.75 5.88
N HIS A 264 -1.35 4.92 4.56
CA HIS A 264 -1.77 3.83 3.67
C HIS A 264 -0.87 2.62 3.82
N ALA A 265 0.37 2.86 4.21
CA ALA A 265 1.31 1.76 4.43
C ALA A 265 0.80 0.90 5.58
N THR A 266 0.35 1.55 6.65
CA THR A 266 -0.14 0.81 7.80
C THR A 266 -1.45 0.09 7.46
N CYS A 267 -2.19 0.61 6.48
CA CYS A 267 -3.43 -0.06 6.08
C CYS A 267 -3.09 -1.36 5.37
N LEU A 268 -1.98 -1.33 4.65
CA LEU A 268 -1.51 -2.50 3.92
C LEU A 268 -0.94 -3.52 4.88
N ASP A 269 -0.44 -3.04 6.02
CA ASP A 269 0.14 -3.90 7.07
C ASP A 269 -0.94 -4.44 8.01
N THR A 270 -2.17 -4.03 7.80
CA THR A 270 -3.26 -4.50 8.62
C THR A 270 -3.61 -5.90 8.05
N PHE A 271 -4.28 -6.73 8.86
CA PHE A 271 -4.65 -8.08 8.43
C PHE A 271 -6.12 -8.39 8.74
N PRO A 272 -6.94 -8.60 7.70
CA PRO A 272 -6.63 -8.57 6.27
C PRO A 272 -6.16 -7.17 5.90
N PRO A 273 -5.40 -7.03 4.79
CA PRO A 273 -4.90 -5.72 4.36
C PRO A 273 -6.01 -4.79 3.88
N ILE A 274 -5.83 -3.49 4.07
CA ILE A 274 -6.83 -2.53 3.63
C ILE A 274 -6.27 -1.78 2.43
N SER A 275 -7.14 -1.45 1.48
CA SER A 275 -6.71 -0.76 0.27
C SER A 275 -7.59 0.41 -0.07
N TYR A 276 -7.03 1.62 -0.01
CA TYR A 276 -7.81 2.83 -0.31
C TYR A 276 -7.36 3.50 -1.61
N LEU A 277 -6.09 3.33 -1.96
CA LEU A 277 -5.56 3.92 -3.18
C LEU A 277 -5.88 3.05 -4.39
N ASN A 278 -6.39 3.64 -5.47
CA ASN A 278 -6.63 2.82 -6.67
C ASN A 278 -5.66 3.26 -7.74
N ALA A 279 -5.73 2.62 -8.90
CA ALA A 279 -4.83 2.93 -10.01
C ALA A 279 -4.71 4.43 -10.28
N ILE A 280 -5.83 5.14 -10.21
CA ILE A 280 -5.83 6.57 -10.47
C ILE A 280 -5.01 7.28 -9.40
N SER A 281 -5.15 6.83 -8.16
CA SER A 281 -4.41 7.42 -7.05
C SER A 281 -2.92 7.41 -7.34
N TRP A 282 -2.44 6.28 -7.85
CA TRP A 282 -1.03 6.12 -8.15
C TRP A 282 -0.52 6.92 -9.35
N ARG A 283 -1.36 7.06 -10.38
CA ARG A 283 -0.95 7.82 -11.55
C ARG A 283 -0.86 9.28 -11.11
N ILE A 284 -1.70 9.66 -10.14
CA ILE A 284 -1.67 11.03 -9.65
C ILE A 284 -0.41 11.19 -8.80
N ILE A 285 -0.14 10.20 -7.95
CA ILE A 285 1.05 10.27 -7.10
C ILE A 285 2.25 10.47 -7.99
N HIS A 286 2.33 9.67 -9.06
CA HIS A 286 3.44 9.74 -10.00
C HIS A 286 3.45 11.03 -10.82
N LEU A 287 2.30 11.67 -10.97
CA LEU A 287 2.25 12.91 -11.73
C LEU A 287 2.90 14.01 -10.90
N VAL A 288 2.61 13.99 -9.60
CA VAL A 288 3.14 14.97 -8.67
C VAL A 288 4.66 14.89 -8.55
N HIS A 289 5.20 13.69 -8.43
CA HIS A 289 6.65 13.53 -8.32
C HIS A 289 7.35 13.94 -9.60
N ARG A 290 6.74 13.63 -10.76
CA ARG A 290 7.32 13.97 -12.05
C ARG A 290 7.24 15.47 -12.27
N PHE A 291 6.16 16.07 -11.80
CA PHE A 291 5.97 17.50 -11.90
C PHE A 291 7.07 18.23 -11.12
N ASN A 292 7.24 17.82 -9.86
CA ASN A 292 8.24 18.40 -8.98
C ASN A 292 9.67 18.21 -9.50
N ALA A 293 9.97 17.00 -9.96
CA ALA A 293 11.30 16.71 -10.47
C ALA A 293 11.60 17.57 -11.69
N HIS A 294 10.57 17.86 -12.49
CA HIS A 294 10.77 18.69 -13.67
C HIS A 294 11.13 20.12 -13.29
N HIS A 295 10.51 20.62 -12.21
CA HIS A 295 10.79 21.97 -11.76
C HIS A 295 12.01 21.92 -10.86
N GLY A 296 12.53 20.71 -10.66
CA GLY A 296 13.68 20.55 -9.79
C GLY A 296 13.39 21.18 -8.44
N ASP A 297 12.14 21.11 -8.00
CA ASP A 297 11.72 21.69 -6.74
C ASP A 297 10.36 21.13 -6.30
N THR A 298 10.18 20.88 -5.00
CA THR A 298 8.92 20.37 -4.48
C THR A 298 7.89 21.49 -4.51
N LYS A 299 7.16 21.57 -5.61
CA LYS A 299 6.14 22.61 -5.77
C LYS A 299 4.72 22.11 -5.51
N VAL A 300 4.56 20.81 -5.42
CA VAL A 300 3.24 20.21 -5.21
C VAL A 300 3.30 19.04 -4.25
N ALA A 301 2.20 18.84 -3.53
CA ALA A 301 2.09 17.75 -2.59
C ALA A 301 0.73 17.08 -2.69
N TYR A 302 0.71 15.79 -2.40
CA TYR A 302 -0.54 15.02 -2.42
C TYR A 302 -0.73 14.40 -1.04
N THR A 303 -1.99 14.10 -0.72
CA THR A 303 -2.29 13.40 0.51
C THR A 303 -3.61 12.69 0.32
N PHE A 304 -3.70 11.46 0.78
CA PHE A 304 -4.91 10.66 0.62
C PHE A 304 -5.50 10.19 1.93
N ASP A 305 -6.82 10.24 2.05
CA ASP A 305 -7.48 9.75 3.25
C ASP A 305 -7.98 8.29 3.05
N ALA A 306 -9.20 7.96 3.47
CA ALA A 306 -9.69 6.58 3.32
C ALA A 306 -10.51 6.40 2.04
N GLY A 307 -9.87 6.66 0.92
CA GLY A 307 -10.52 6.55 -0.35
C GLY A 307 -9.47 6.89 -1.39
N PRO A 308 -9.78 6.70 -2.68
CA PRO A 308 -8.79 7.00 -3.71
C PRO A 308 -8.67 8.48 -4.13
N ASN A 309 -9.58 9.35 -3.68
CA ASN A 309 -9.51 10.77 -4.07
C ASN A 309 -8.21 11.42 -3.60
N ALA A 310 -7.69 12.31 -4.42
CA ALA A 310 -6.43 12.99 -4.11
C ALA A 310 -6.62 14.42 -3.62
N VAL A 311 -5.97 14.73 -2.49
CA VAL A 311 -6.00 16.09 -1.96
C VAL A 311 -4.64 16.66 -2.34
N ILE A 312 -4.63 17.79 -3.04
CA ILE A 312 -3.40 18.43 -3.47
C ILE A 312 -3.14 19.78 -2.79
N PHE A 313 -1.95 19.94 -2.22
CA PHE A 313 -1.55 21.20 -1.60
C PHE A 313 -0.52 21.84 -2.51
N THR A 314 -0.69 23.12 -2.79
CA THR A 314 0.21 23.84 -3.66
C THR A 314 0.02 25.33 -3.46
N LEU A 315 0.98 26.14 -3.90
CA LEU A 315 0.86 27.59 -3.75
C LEU A 315 0.11 28.17 -4.94
N ASP A 316 -0.51 29.32 -4.70
CA ASP A 316 -1.30 30.01 -5.71
C ASP A 316 -0.62 30.14 -7.08
N ASP A 317 0.67 30.47 -7.08
CA ASP A 317 1.41 30.64 -8.34
C ASP A 317 1.66 29.37 -9.15
N THR A 318 1.36 28.21 -8.58
CA THR A 318 1.58 26.97 -9.32
C THR A 318 0.30 26.17 -9.56
N VAL A 319 -0.85 26.70 -9.13
CA VAL A 319 -2.13 26.03 -9.32
C VAL A 319 -2.53 25.81 -10.79
N ALA A 320 -2.51 26.89 -11.56
CA ALA A 320 -2.88 26.83 -12.98
C ALA A 320 -2.07 25.82 -13.79
N GLU A 321 -0.76 25.80 -13.62
CA GLU A 321 0.03 24.86 -14.38
C GLU A 321 -0.20 23.42 -13.91
N PHE A 322 -0.34 23.22 -12.60
CA PHE A 322 -0.58 21.88 -12.08
C PHE A 322 -1.94 21.33 -12.53
N VAL A 323 -2.96 22.18 -12.54
CA VAL A 323 -4.28 21.76 -12.97
C VAL A 323 -4.23 21.43 -14.48
N ALA A 324 -3.42 22.18 -15.22
CA ALA A 324 -3.28 21.94 -16.66
C ALA A 324 -2.61 20.58 -16.82
N ALA A 325 -1.81 20.21 -15.83
CA ALA A 325 -1.13 18.93 -15.86
C ALA A 325 -2.09 17.76 -15.60
N VAL A 326 -3.02 17.90 -14.65
CA VAL A 326 -3.95 16.81 -14.38
C VAL A 326 -4.91 16.68 -15.56
N TRP A 327 -5.24 17.81 -16.18
CA TRP A 327 -6.14 17.82 -17.33
C TRP A 327 -5.51 17.00 -18.46
N HIS A 328 -4.20 17.15 -18.65
CA HIS A 328 -3.49 16.41 -19.67
C HIS A 328 -3.49 14.92 -19.31
N GLY A 329 -3.21 14.63 -18.04
CA GLY A 329 -3.17 13.26 -17.59
C GLY A 329 -4.52 12.57 -17.52
N PHE A 330 -5.57 13.34 -17.23
CA PHE A 330 -6.91 12.77 -17.12
C PHE A 330 -7.96 13.66 -17.75
N PRO A 331 -7.97 13.74 -19.09
CA PRO A 331 -8.95 14.59 -19.77
C PRO A 331 -10.39 14.11 -19.53
N PRO A 332 -11.26 15.01 -19.04
CA PRO A 332 -12.67 14.75 -18.73
C PRO A 332 -13.52 14.34 -19.91
N GLY A 333 -13.04 14.62 -21.11
CA GLY A 333 -13.80 14.25 -22.29
C GLY A 333 -14.81 15.30 -22.72
N SER A 334 -14.31 16.50 -23.07
CA SER A 334 -15.10 17.65 -23.53
C SER A 334 -16.24 18.16 -22.65
N ASN A 335 -15.98 19.37 -22.18
CA ASN A 335 -16.86 20.17 -21.34
C ASN A 335 -16.06 21.33 -20.68
N GLY A 336 -15.26 21.01 -19.66
CA GLY A 336 -14.49 22.03 -18.96
C GLY A 336 -15.44 22.60 -17.93
N ASP A 337 -16.71 22.37 -18.17
CA ASP A 337 -17.78 22.82 -17.29
C ASP A 337 -17.85 21.80 -16.17
N THR A 338 -18.10 22.28 -14.95
CA THR A 338 -18.19 21.43 -13.79
C THR A 338 -16.94 20.56 -13.58
N PHE A 339 -15.90 20.75 -14.39
CA PHE A 339 -14.68 20.00 -14.19
C PHE A 339 -13.85 20.75 -13.16
N LEU A 340 -14.03 22.07 -13.13
CA LEU A 340 -13.33 22.89 -12.16
C LEU A 340 -14.38 23.59 -11.31
N LYS A 341 -14.33 23.37 -10.00
CA LYS A 341 -15.29 23.98 -9.09
C LYS A 341 -14.55 24.76 -8.00
N GLY A 342 -15.28 25.68 -7.36
CA GLY A 342 -14.68 26.49 -6.31
C GLY A 342 -13.88 27.66 -6.86
N LEU A 343 -12.77 27.97 -6.21
CA LEU A 343 -11.91 29.07 -6.63
C LEU A 343 -11.65 29.03 -8.13
N GLN A 344 -11.64 30.21 -8.74
CA GLN A 344 -11.42 30.34 -10.18
C GLN A 344 -9.98 30.09 -10.62
N VAL A 345 -9.80 29.14 -11.54
CA VAL A 345 -8.47 28.83 -12.04
C VAL A 345 -8.44 29.05 -13.55
N ARG A 346 -7.50 29.86 -14.00
CA ARG A 346 -7.34 30.18 -15.40
C ARG A 346 -6.55 29.07 -16.08
N PRO A 347 -7.11 28.50 -17.16
CA PRO A 347 -6.46 27.42 -17.90
C PRO A 347 -5.07 27.80 -18.40
N ALA A 348 -4.08 26.98 -18.05
CA ALA A 348 -2.71 27.23 -18.47
C ALA A 348 -2.27 26.17 -19.48
N PRO A 349 -1.38 26.55 -20.41
CA PRO A 349 -0.89 25.62 -21.43
C PRO A 349 0.25 24.76 -20.88
N LEU A 350 0.49 23.59 -21.47
CA LEU A 350 1.55 22.73 -20.97
C LEU A 350 2.85 22.75 -21.78
N SER A 351 3.94 23.01 -21.07
CA SER A 351 5.25 23.04 -21.67
C SER A 351 5.49 21.68 -22.32
N ALA A 352 6.21 21.66 -23.43
CA ALA A 352 6.49 20.42 -24.13
C ALA A 352 7.44 19.58 -23.30
N GLU A 353 8.38 20.24 -22.63
CA GLU A 353 9.35 19.53 -21.79
C GLU A 353 8.67 19.04 -20.52
N LEU A 354 7.71 19.82 -20.01
CA LEU A 354 6.97 19.44 -18.81
C LEU A 354 6.05 18.28 -19.16
N GLN A 355 5.43 18.38 -20.32
CA GLN A 355 4.52 17.34 -20.77
C GLN A 355 5.29 16.03 -20.92
N ALA A 356 6.52 16.11 -21.41
CA ALA A 356 7.36 14.93 -21.59
C ALA A 356 7.82 14.37 -20.25
N ALA A 357 8.17 15.27 -19.33
CA ALA A 357 8.63 14.85 -18.00
C ALA A 357 7.53 14.08 -17.27
N LEU A 358 6.27 14.44 -17.51
CA LEU A 358 5.17 13.76 -16.87
C LEU A 358 5.17 12.30 -17.33
N ALA A 359 5.59 12.08 -18.57
CA ALA A 359 5.69 10.73 -19.14
C ALA A 359 4.53 9.80 -18.74
N MET A 360 3.32 10.10 -19.18
CA MET A 360 2.18 9.27 -18.84
C MET A 360 1.04 9.39 -19.85
N GLU A 361 0.63 8.25 -20.40
CA GLU A 361 -0.47 8.23 -21.36
C GLU A 361 -1.74 8.63 -20.60
N PRO A 362 -2.57 9.49 -21.21
CA PRO A 362 -3.79 9.91 -20.51
C PRO A 362 -4.77 8.81 -20.16
N THR A 363 -5.60 9.08 -19.16
CA THR A 363 -6.63 8.16 -18.70
C THR A 363 -7.88 9.02 -18.71
N PRO A 364 -8.57 9.08 -19.86
CA PRO A 364 -9.79 9.88 -20.02
C PRO A 364 -10.82 9.49 -18.96
N GLY A 365 -11.42 10.48 -18.31
CA GLY A 365 -12.41 10.19 -17.28
C GLY A 365 -11.79 9.81 -15.94
N GLY A 366 -10.46 9.66 -15.89
CA GLY A 366 -9.81 9.29 -14.64
C GLY A 366 -10.15 10.21 -13.47
N VAL A 367 -10.39 11.47 -13.77
CA VAL A 367 -10.74 12.46 -12.76
C VAL A 367 -12.14 13.02 -13.05
N LYS A 368 -13.05 12.84 -12.11
CA LYS A 368 -14.43 13.32 -12.24
C LYS A 368 -14.51 14.85 -12.29
N TYR A 369 -13.89 15.50 -11.31
CA TYR A 369 -13.87 16.94 -11.25
C TYR A 369 -12.87 17.41 -10.21
N ILE A 370 -12.57 18.70 -10.21
CA ILE A 370 -11.60 19.27 -9.28
C ILE A 370 -12.17 20.40 -8.44
N ILE A 371 -12.10 20.24 -7.13
CA ILE A 371 -12.57 21.27 -6.22
C ILE A 371 -11.34 22.10 -5.86
N VAL A 372 -11.39 23.40 -6.12
CA VAL A 372 -10.26 24.28 -5.81
C VAL A 372 -10.65 25.19 -4.68
N THR A 373 -9.86 25.19 -3.61
CA THR A 373 -10.14 26.04 -2.46
C THR A 373 -8.87 26.57 -1.83
N GLN A 374 -8.99 27.03 -0.59
CA GLN A 374 -7.86 27.59 0.15
C GLN A 374 -8.08 27.43 1.64
N VAL A 375 -7.14 27.95 2.43
CA VAL A 375 -7.24 27.88 3.87
C VAL A 375 -8.41 28.77 4.33
N GLY A 376 -9.28 28.23 5.17
CA GLY A 376 -10.44 28.98 5.64
C GLY A 376 -10.57 29.18 7.14
N PRO A 377 -11.64 29.88 7.59
CA PRO A 377 -11.88 30.15 9.01
C PRO A 377 -12.61 29.02 9.73
N GLY A 378 -12.79 29.16 11.03
CA GLY A 378 -13.50 28.15 11.81
C GLY A 378 -15.00 28.28 11.58
N PRO A 379 -15.84 27.54 12.31
CA PRO A 379 -17.29 27.66 12.09
C PRO A 379 -17.83 29.09 12.20
N GLN A 380 -18.89 29.35 11.43
CA GLN A 380 -19.53 30.66 11.36
C GLN A 380 -20.96 30.67 11.90
N ILE A 381 -21.42 31.84 12.34
CA ILE A 381 -22.78 32.00 12.84
C ILE A 381 -23.52 32.79 11.78
N LEU A 382 -24.71 32.33 11.40
CA LEU A 382 -25.48 33.03 10.38
C LEU A 382 -26.37 34.10 10.99
N ASP A 383 -26.74 35.09 10.20
CA ASP A 383 -27.59 36.18 10.67
C ASP A 383 -28.74 36.53 9.73
N ASP A 384 -29.19 35.55 8.95
CA ASP A 384 -30.31 35.75 8.03
C ASP A 384 -31.37 34.71 8.34
N PRO A 385 -32.61 35.16 8.61
CA PRO A 385 -33.70 34.22 8.91
C PRO A 385 -33.98 33.31 7.72
N CYS A 386 -33.85 33.86 6.53
CA CYS A 386 -34.10 33.11 5.30
C CYS A 386 -33.16 31.93 5.14
N ALA A 387 -32.11 31.88 5.96
CA ALA A 387 -31.13 30.80 5.87
C ALA A 387 -31.47 29.64 6.80
N HIS A 388 -32.26 29.89 7.84
CA HIS A 388 -32.61 28.83 8.78
C HIS A 388 -33.06 27.59 8.03
N LEU A 389 -32.61 26.42 8.50
CA LEU A 389 -32.96 25.16 7.85
C LEU A 389 -34.29 24.63 8.37
N LEU A 390 -34.57 24.88 9.64
CA LEU A 390 -35.83 24.45 10.23
C LEU A 390 -36.81 25.61 10.10
N GLY A 391 -37.99 25.32 9.55
CA GLY A 391 -38.98 26.36 9.38
C GLY A 391 -39.60 26.74 10.71
N PRO A 392 -40.80 27.37 10.68
CA PRO A 392 -41.46 27.77 11.93
C PRO A 392 -41.89 26.55 12.76
N ASP A 393 -41.21 25.42 12.55
CA ASP A 393 -41.52 24.20 13.26
C ASP A 393 -40.61 23.03 12.87
N GLY A 394 -40.71 22.60 11.62
CA GLY A 394 -39.91 21.48 11.15
C GLY A 394 -39.06 21.78 9.93
N LEU A 395 -39.39 21.14 8.81
CA LEU A 395 -38.63 21.33 7.57
C LEU A 395 -39.53 21.46 6.34
N PRO A 396 -39.04 22.13 5.28
CA PRO A 396 -37.71 22.75 5.19
C PRO A 396 -37.62 24.00 6.04
N ALA B 9 32.19 -28.85 -20.43
CA ALA B 9 31.19 -29.89 -20.79
C ALA B 9 30.35 -30.33 -19.60
N VAL B 10 29.70 -29.37 -18.94
CA VAL B 10 28.86 -29.67 -17.79
C VAL B 10 27.53 -28.91 -17.86
N THR B 11 26.44 -29.62 -17.64
CA THR B 11 25.13 -29.00 -17.66
C THR B 11 24.41 -29.24 -16.36
N CYS B 12 23.77 -28.18 -15.86
CA CYS B 12 23.03 -28.27 -14.62
C CYS B 12 21.74 -27.49 -14.69
N THR B 13 20.85 -27.77 -13.76
CA THR B 13 19.58 -27.06 -13.66
C THR B 13 19.47 -26.58 -12.23
N ALA B 14 18.80 -25.45 -12.05
CA ALA B 14 18.59 -24.88 -10.73
C ALA B 14 17.14 -24.43 -10.68
N PRO B 15 16.53 -24.42 -9.48
CA PRO B 15 15.14 -24.01 -9.29
C PRO B 15 14.97 -22.56 -8.83
N VAL B 16 13.75 -22.04 -8.94
CA VAL B 16 13.48 -20.70 -8.47
C VAL B 16 12.95 -20.94 -7.06
N ASN B 17 12.79 -19.88 -6.28
CA ASN B 17 12.23 -20.02 -4.95
C ASN B 17 11.39 -18.79 -4.64
N ILE B 18 10.44 -18.95 -3.74
CA ILE B 18 9.56 -17.86 -3.34
C ILE B 18 9.77 -17.57 -1.86
N ALA B 19 10.18 -16.35 -1.55
CA ALA B 19 10.39 -15.98 -0.16
C ALA B 19 9.07 -15.81 0.60
N VAL B 20 8.96 -16.42 1.79
CA VAL B 20 7.75 -16.28 2.62
C VAL B 20 8.04 -15.26 3.73
N ILE B 21 9.31 -15.05 4.04
CA ILE B 21 9.71 -14.00 4.97
C ILE B 21 10.58 -13.22 3.98
N LYS B 22 10.07 -12.08 3.55
CA LYS B 22 10.73 -11.28 2.55
C LYS B 22 12.08 -10.68 2.85
N TYR B 23 12.92 -10.72 1.83
CA TYR B 23 14.24 -10.14 1.88
C TYR B 23 14.02 -8.82 1.18
N TRP B 24 14.25 -7.70 1.87
CA TRP B 24 14.06 -6.41 1.25
C TRP B 24 14.92 -5.37 1.94
N GLY B 25 15.98 -4.96 1.24
CA GLY B 25 16.89 -3.96 1.78
C GLY B 25 18.25 -4.53 2.16
N LYS B 26 19.30 -3.87 1.70
CA LYS B 26 20.69 -4.28 1.98
C LYS B 26 21.34 -3.44 3.08
N ARG B 27 22.42 -3.97 3.65
CA ARG B 27 23.20 -3.25 4.67
C ARG B 27 24.58 -3.01 4.07
N ASP B 28 24.81 -3.58 2.88
CA ASP B 28 26.07 -3.47 2.15
C ASP B 28 25.82 -3.77 0.67
N GLU B 29 25.87 -2.74 -0.17
CA GLU B 29 25.62 -2.91 -1.60
C GLU B 29 26.67 -3.75 -2.34
N GLU B 30 27.95 -3.56 -2.00
CA GLU B 30 29.04 -4.27 -2.68
C GLU B 30 29.12 -5.77 -2.38
N LEU B 31 28.89 -6.12 -1.11
CA LEU B 31 28.98 -7.52 -0.70
C LEU B 31 27.63 -8.24 -0.75
N VAL B 32 26.56 -7.49 -1.04
CA VAL B 32 25.21 -8.03 -1.11
C VAL B 32 24.82 -8.63 0.24
N LEU B 33 24.82 -7.80 1.28
CA LEU B 33 24.43 -8.27 2.61
C LEU B 33 23.11 -7.63 3.02
N PRO B 34 22.15 -8.45 3.47
CA PRO B 34 20.81 -8.03 3.89
C PRO B 34 20.74 -7.38 5.26
N ILE B 35 19.64 -6.68 5.53
CA ILE B 35 19.42 -6.03 6.81
C ILE B 35 18.61 -6.96 7.69
N ASN B 36 18.20 -8.08 7.10
CA ASN B 36 17.44 -9.11 7.81
C ASN B 36 17.52 -10.45 7.07
N SER B 37 17.25 -11.53 7.80
CA SER B 37 17.28 -12.86 7.22
C SER B 37 15.99 -13.07 6.43
N SER B 38 15.93 -14.15 5.66
CA SER B 38 14.73 -14.46 4.89
C SER B 38 14.58 -15.95 4.71
N LEU B 39 13.34 -16.39 4.49
CA LEU B 39 13.04 -17.79 4.32
C LEU B 39 12.18 -17.95 3.08
N SER B 40 12.47 -18.98 2.29
CA SER B 40 11.75 -19.21 1.07
C SER B 40 11.44 -20.66 0.85
N VAL B 41 10.70 -20.95 -0.21
CA VAL B 41 10.35 -22.31 -0.57
C VAL B 41 10.86 -22.61 -1.98
N THR B 42 11.59 -23.72 -2.10
CA THR B 42 12.15 -24.13 -3.39
C THR B 42 11.06 -24.81 -4.24
N LEU B 43 10.76 -24.24 -5.40
CA LEU B 43 9.74 -24.82 -6.26
C LEU B 43 10.41 -25.91 -7.11
N HIS B 44 9.63 -26.95 -7.43
CA HIS B 44 10.13 -28.08 -8.19
C HIS B 44 10.59 -27.80 -9.62
N GLN B 45 11.77 -28.32 -9.93
CA GLN B 45 12.35 -28.15 -11.26
C GLN B 45 11.57 -28.89 -12.36
N ASP B 46 10.62 -29.74 -11.96
CA ASP B 46 9.78 -30.41 -12.95
C ASP B 46 8.86 -29.41 -13.63
N GLN B 47 8.54 -28.31 -12.93
CA GLN B 47 7.68 -27.25 -13.48
C GLN B 47 8.49 -26.03 -13.91
N LEU B 48 9.34 -25.52 -13.03
CA LEU B 48 10.17 -24.36 -13.35
C LEU B 48 11.64 -24.62 -13.12
N LYS B 49 12.48 -24.34 -14.11
CA LYS B 49 13.91 -24.53 -13.98
C LYS B 49 14.75 -23.76 -14.98
N THR B 50 15.99 -23.51 -14.57
CA THR B 50 16.97 -22.83 -15.40
C THR B 50 17.98 -23.93 -15.75
N THR B 51 18.38 -23.98 -17.02
CA THR B 51 19.36 -24.97 -17.46
C THR B 51 20.60 -24.20 -17.82
N THR B 52 21.75 -24.66 -17.34
CA THR B 52 23.00 -23.97 -17.62
C THR B 52 24.13 -24.91 -18.01
N THR B 53 24.75 -24.61 -19.14
CA THR B 53 25.87 -25.40 -19.65
C THR B 53 27.14 -24.56 -19.69
N ALA B 54 28.16 -25.01 -19.00
CA ALA B 54 29.44 -24.30 -18.97
C ALA B 54 30.51 -25.20 -19.57
N VAL B 55 31.37 -24.60 -20.38
CA VAL B 55 32.44 -25.35 -21.01
C VAL B 55 33.74 -24.57 -20.93
N ILE B 56 34.73 -25.16 -20.25
CA ILE B 56 36.02 -24.52 -20.11
C ILE B 56 36.72 -24.53 -21.47
N SER B 57 36.53 -23.46 -22.24
CA SER B 57 37.14 -23.34 -23.56
C SER B 57 38.66 -23.39 -23.44
N LYS B 58 39.20 -24.59 -23.57
CA LYS B 58 40.65 -24.82 -23.48
C LYS B 58 41.43 -23.72 -24.19
N ASP B 59 40.79 -23.08 -25.17
CA ASP B 59 41.43 -22.02 -25.90
C ASP B 59 40.52 -21.20 -26.83
N PHE B 60 39.86 -20.20 -26.26
CA PHE B 60 39.00 -19.32 -27.05
C PHE B 60 39.24 -17.89 -26.58
N THR B 61 38.99 -16.93 -27.46
CA THR B 61 39.16 -15.53 -27.13
C THR B 61 38.13 -15.10 -26.08
N GLU B 62 38.60 -14.88 -24.87
CA GLU B 62 37.79 -14.43 -23.72
C GLU B 62 36.62 -15.31 -23.24
N ASP B 63 35.86 -14.77 -22.27
CA ASP B 63 34.71 -15.46 -21.70
C ASP B 63 33.45 -14.96 -22.41
N ARG B 64 32.55 -15.89 -22.75
CA ARG B 64 31.32 -15.53 -23.43
C ARG B 64 30.12 -16.13 -22.71
N ILE B 65 28.95 -15.53 -22.88
CA ILE B 65 27.75 -16.02 -22.22
C ILE B 65 26.47 -15.81 -23.02
N TRP B 66 25.57 -16.78 -22.97
CA TRP B 66 24.30 -16.70 -23.69
C TRP B 66 23.11 -16.99 -22.79
N LEU B 67 22.06 -16.19 -22.94
CA LEU B 67 20.83 -16.38 -22.17
C LEU B 67 19.68 -16.56 -23.15
N ASN B 68 19.08 -17.74 -23.12
CA ASN B 68 17.97 -18.07 -24.00
C ASN B 68 18.30 -17.83 -25.47
N GLY B 69 19.54 -18.11 -25.85
CA GLY B 69 19.94 -17.95 -27.24
C GLY B 69 20.54 -16.62 -27.64
N ARG B 70 20.40 -15.61 -26.78
CA ARG B 70 20.96 -14.30 -27.11
C ARG B 70 22.22 -14.04 -26.29
N GLU B 71 23.30 -13.66 -26.96
CA GLU B 71 24.56 -13.40 -26.28
C GLU B 71 24.50 -12.08 -25.52
N GLU B 72 24.85 -12.13 -24.23
CA GLU B 72 24.86 -10.94 -23.38
C GLU B 72 26.30 -10.54 -23.12
N ASP B 73 26.48 -9.43 -22.41
CA ASP B 73 27.82 -8.94 -22.09
C ASP B 73 28.34 -9.56 -20.78
N VAL B 74 29.36 -10.41 -20.89
CA VAL B 74 29.94 -11.06 -19.72
C VAL B 74 30.61 -10.03 -18.81
N GLY B 75 30.45 -8.76 -19.16
CA GLY B 75 31.05 -7.69 -18.38
C GLY B 75 30.12 -7.09 -17.34
N GLN B 76 28.88 -7.58 -17.28
CA GLN B 76 27.94 -7.08 -16.28
C GLN B 76 28.62 -7.24 -14.92
N PRO B 77 28.53 -6.22 -14.06
CA PRO B 77 29.16 -6.27 -12.73
C PRO B 77 28.83 -7.50 -11.87
N ARG B 78 27.57 -7.91 -11.84
CA ARG B 78 27.19 -9.06 -11.04
C ARG B 78 27.81 -10.35 -11.60
N LEU B 79 27.76 -10.49 -12.92
CA LEU B 79 28.33 -11.67 -13.56
C LEU B 79 29.82 -11.77 -13.25
N GLN B 80 30.56 -10.67 -13.43
CA GLN B 80 31.99 -10.66 -13.17
C GLN B 80 32.32 -11.00 -11.72
N ALA B 81 31.58 -10.39 -10.79
CA ALA B 81 31.78 -10.64 -9.37
C ALA B 81 31.56 -12.11 -9.06
N CYS B 82 30.60 -12.70 -9.75
CA CYS B 82 30.28 -14.11 -9.56
C CYS B 82 31.45 -14.94 -10.08
N LEU B 83 31.92 -14.56 -11.27
CA LEU B 83 33.03 -15.23 -11.92
C LEU B 83 34.29 -15.16 -11.06
N ARG B 84 34.67 -13.93 -10.67
CA ARG B 84 35.85 -13.75 -9.82
C ARG B 84 35.76 -14.58 -8.54
N GLU B 85 34.59 -14.55 -7.92
CA GLU B 85 34.37 -15.28 -6.67
C GLU B 85 34.57 -16.78 -6.79
N ILE B 86 34.00 -17.40 -7.82
CA ILE B 86 34.15 -18.84 -7.99
C ILE B 86 35.52 -19.17 -8.56
N ARG B 87 35.95 -18.37 -9.54
CA ARG B 87 37.24 -18.57 -10.19
C ARG B 87 38.31 -18.46 -9.11
N CYS B 88 37.90 -17.95 -7.96
CA CYS B 88 38.78 -17.80 -6.82
C CYS B 88 38.87 -19.13 -6.08
N LEU B 89 37.72 -19.73 -5.81
CA LEU B 89 37.66 -21.02 -5.10
C LEU B 89 38.69 -22.04 -5.58
N ALA B 90 39.00 -22.02 -6.87
CA ALA B 90 40.00 -22.94 -7.41
C ALA B 90 41.24 -22.11 -7.10
N CYS B 108 39.40 -22.70 -16.69
CA CYS B 108 39.70 -21.27 -17.02
C CYS B 108 39.43 -20.96 -18.49
N LYS B 109 38.96 -19.73 -18.73
CA LYS B 109 38.57 -19.23 -20.05
C LYS B 109 37.31 -20.00 -20.42
N VAL B 110 36.19 -19.62 -19.80
CA VAL B 110 34.91 -20.32 -20.00
C VAL B 110 33.85 -19.71 -20.91
N HIS B 111 33.02 -20.60 -21.46
CA HIS B 111 31.90 -20.23 -22.33
C HIS B 111 30.64 -20.77 -21.65
N VAL B 112 29.66 -19.89 -21.41
CA VAL B 112 28.44 -20.30 -20.75
C VAL B 112 27.15 -20.01 -21.53
N ALA B 113 26.22 -20.95 -21.47
CA ALA B 113 24.93 -20.81 -22.13
C ALA B 113 23.83 -21.20 -21.16
N SER B 114 22.74 -20.45 -21.20
CA SER B 114 21.61 -20.71 -20.31
C SER B 114 20.26 -20.57 -20.97
N VAL B 115 19.26 -21.19 -20.35
CA VAL B 115 17.89 -21.16 -20.82
C VAL B 115 17.02 -21.49 -19.61
N ASN B 116 15.75 -21.11 -19.69
CA ASN B 116 14.80 -21.40 -18.64
C ASN B 116 13.41 -21.35 -19.24
N ASN B 117 12.45 -21.94 -18.54
CA ASN B 117 11.08 -21.97 -19.00
C ASN B 117 10.25 -21.01 -18.16
N PHE B 118 10.82 -19.83 -17.94
CA PHE B 118 10.17 -18.80 -17.16
C PHE B 118 9.65 -17.74 -18.12
N PRO B 119 8.33 -17.75 -18.40
CA PRO B 119 7.77 -16.76 -19.31
C PRO B 119 8.01 -15.36 -18.76
N THR B 120 8.17 -14.42 -19.65
CA THR B 120 8.44 -13.05 -19.25
C THR B 120 7.09 -12.40 -18.98
N LEU B 124 9.30 -13.68 -12.53
CA LEU B 124 9.65 -13.79 -11.08
C LEU B 124 11.16 -13.94 -10.86
N ALA B 125 11.55 -14.41 -9.67
CA ALA B 125 12.96 -14.56 -9.30
C ALA B 125 13.78 -15.47 -10.20
N SER B 126 13.79 -15.16 -11.49
CA SER B 126 14.54 -15.92 -12.47
C SER B 126 16.02 -15.57 -12.33
N SER B 127 16.28 -14.46 -11.63
CA SER B 127 17.63 -13.99 -11.41
C SER B 127 18.33 -14.87 -10.38
N ALA B 128 17.65 -15.16 -9.28
CA ALA B 128 18.21 -16.01 -8.23
C ALA B 128 18.47 -17.40 -8.80
N ALA B 129 17.51 -17.90 -9.57
CA ALA B 129 17.63 -19.22 -10.16
C ALA B 129 18.80 -19.25 -11.14
N GLY B 130 19.06 -18.11 -11.77
CA GLY B 130 20.15 -17.99 -12.74
C GLY B 130 21.55 -18.11 -12.16
N TYR B 131 21.84 -17.34 -11.11
CA TYR B 131 23.16 -17.39 -10.50
C TYR B 131 23.37 -18.64 -9.68
N ALA B 132 22.29 -19.20 -9.15
CA ALA B 132 22.40 -20.43 -8.36
C ALA B 132 22.86 -21.53 -9.32
N CYS B 133 22.38 -21.45 -10.56
CA CYS B 133 22.72 -22.43 -11.57
C CYS B 133 24.12 -22.16 -12.14
N LEU B 134 24.44 -20.89 -12.35
CA LEU B 134 25.76 -20.54 -12.88
C LEU B 134 26.82 -20.94 -11.86
N ALA B 135 26.57 -20.59 -10.60
CA ALA B 135 27.50 -20.90 -9.52
C ALA B 135 27.63 -22.40 -9.31
N TYR B 136 26.55 -23.13 -9.52
CA TYR B 136 26.56 -24.57 -9.33
C TYR B 136 27.25 -25.30 -10.46
N THR B 137 27.08 -24.80 -11.68
CA THR B 137 27.67 -25.40 -12.87
C THR B 137 29.18 -25.17 -12.89
N LEU B 138 29.58 -23.90 -12.88
CA LEU B 138 30.99 -23.54 -12.88
C LEU B 138 31.69 -24.23 -11.69
N ALA B 139 30.98 -24.35 -10.57
CA ALA B 139 31.55 -24.99 -9.39
C ALA B 139 31.98 -26.41 -9.74
N ARG B 140 31.20 -27.06 -10.58
CA ARG B 140 31.50 -28.42 -10.99
C ARG B 140 32.56 -28.44 -12.09
N VAL B 141 32.56 -27.41 -12.93
CA VAL B 141 33.53 -27.30 -14.01
C VAL B 141 34.95 -27.17 -13.44
N TYR B 142 35.11 -26.32 -12.42
CA TYR B 142 36.41 -26.12 -11.79
C TYR B 142 36.59 -27.11 -10.65
N GLY B 143 35.54 -27.85 -10.34
CA GLY B 143 35.60 -28.83 -9.27
C GLY B 143 35.84 -28.18 -7.92
N VAL B 144 35.02 -27.19 -7.58
CA VAL B 144 35.17 -26.48 -6.31
C VAL B 144 34.59 -27.27 -5.13
N GLU B 145 35.37 -27.34 -4.05
CA GLU B 145 34.99 -28.07 -2.85
C GLU B 145 33.48 -28.03 -2.59
N SER B 146 33.04 -27.05 -1.82
CA SER B 146 31.62 -26.93 -1.52
C SER B 146 31.20 -25.57 -0.97
N ASP B 147 29.89 -25.37 -0.92
CA ASP B 147 29.24 -24.15 -0.44
C ASP B 147 29.41 -22.98 -1.39
N LEU B 148 28.43 -22.79 -2.27
CA LEU B 148 28.49 -21.72 -3.24
C LEU B 148 27.65 -20.52 -2.79
N SER B 149 27.17 -20.56 -1.54
CA SER B 149 26.35 -19.47 -1.02
C SER B 149 26.92 -18.11 -1.40
N GLU B 150 28.17 -17.84 -1.03
CA GLU B 150 28.77 -16.55 -1.34
C GLU B 150 28.92 -16.29 -2.84
N VAL B 151 29.33 -17.31 -3.60
CA VAL B 151 29.48 -17.12 -5.05
C VAL B 151 28.15 -16.70 -5.65
N ALA B 152 27.09 -17.37 -5.22
CA ALA B 152 25.73 -17.10 -5.70
C ALA B 152 25.23 -15.73 -5.25
N ARG B 153 25.36 -15.48 -3.94
CA ARG B 153 24.92 -14.22 -3.34
C ARG B 153 25.51 -13.02 -4.08
N ARG B 154 26.79 -13.08 -4.40
CA ARG B 154 27.46 -11.99 -5.09
C ARG B 154 26.92 -11.80 -6.50
N GLY B 155 26.20 -12.80 -7.01
CA GLY B 155 25.64 -12.67 -8.35
C GLY B 155 24.25 -12.05 -8.22
N SER B 156 23.50 -12.58 -7.26
CA SER B 156 22.15 -12.10 -6.98
C SER B 156 21.80 -12.55 -5.57
N GLY B 157 21.60 -11.59 -4.68
CA GLY B 157 21.28 -11.87 -3.29
C GLY B 157 20.51 -13.13 -2.94
N SER B 158 19.27 -13.26 -3.43
CA SER B 158 18.45 -14.43 -3.11
C SER B 158 18.84 -15.75 -3.80
N ALA B 159 19.84 -15.69 -4.67
CA ALA B 159 20.31 -16.87 -5.38
C ALA B 159 20.82 -17.96 -4.44
N CYS B 160 21.39 -17.56 -3.30
CA CYS B 160 21.92 -18.53 -2.35
C CYS B 160 20.84 -19.43 -1.77
N ARG B 161 19.61 -18.94 -1.73
CA ARG B 161 18.52 -19.74 -1.20
C ARG B 161 18.08 -20.81 -2.22
N SER B 162 18.68 -20.78 -3.41
CA SER B 162 18.34 -21.74 -4.45
C SER B 162 19.36 -22.87 -4.58
N LEU B 163 20.27 -22.96 -3.62
CA LEU B 163 21.30 -23.98 -3.62
C LEU B 163 20.83 -25.22 -2.89
N TYR B 164 19.75 -25.09 -2.12
CA TYR B 164 19.21 -26.21 -1.36
C TYR B 164 17.75 -26.45 -1.69
N GLY B 165 17.24 -27.62 -1.32
CA GLY B 165 15.87 -27.96 -1.60
C GLY B 165 14.96 -27.70 -0.41
N GLY B 166 13.67 -27.90 -0.59
CA GLY B 166 12.72 -27.71 0.48
C GLY B 166 12.50 -26.27 0.93
N PHE B 167 12.73 -26.03 2.21
CA PHE B 167 12.56 -24.72 2.80
C PHE B 167 13.93 -24.23 3.22
N VAL B 168 14.39 -23.18 2.57
CA VAL B 168 15.71 -22.63 2.83
C VAL B 168 15.71 -21.25 3.48
N GLU B 169 16.75 -21.00 4.26
CA GLU B 169 16.94 -19.74 4.96
C GLU B 169 18.17 -19.00 4.44
N TRP B 170 18.12 -17.68 4.45
CA TRP B 170 19.27 -16.89 4.03
C TRP B 170 19.68 -16.09 5.26
N GLN B 171 20.59 -16.64 6.06
CA GLN B 171 21.04 -15.95 7.26
C GLN B 171 21.74 -14.66 6.87
N MET B 172 21.31 -13.54 7.45
CA MET B 172 21.88 -12.24 7.12
C MET B 172 23.37 -12.11 7.42
N GLY B 173 23.83 -12.75 8.50
CA GLY B 173 25.24 -12.69 8.84
C GLY B 173 25.62 -11.64 9.88
N GLU B 174 26.64 -11.95 10.67
CA GLU B 174 27.13 -11.04 11.71
C GLU B 174 28.46 -10.40 11.29
N GLN B 175 29.21 -11.09 10.44
CA GLN B 175 30.51 -10.61 9.97
C GLN B 175 30.41 -9.57 8.85
N ALA B 176 31.17 -8.49 8.99
CA ALA B 176 31.16 -7.44 7.99
C ALA B 176 31.82 -7.93 6.69
N ASP B 177 32.67 -8.94 6.79
CA ASP B 177 33.32 -9.46 5.59
C ASP B 177 32.31 -10.35 4.84
N GLY B 178 31.12 -10.46 5.42
CA GLY B 178 30.04 -11.22 4.83
C GLY B 178 30.31 -12.65 4.41
N LYS B 179 31.17 -13.35 5.15
CA LYS B 179 31.47 -14.74 4.81
C LYS B 179 30.47 -15.68 5.47
N ASP B 180 29.72 -15.18 6.45
CA ASP B 180 28.73 -15.99 7.14
C ASP B 180 27.30 -15.66 6.71
N SER B 181 27.17 -14.83 5.67
CA SER B 181 25.85 -14.48 5.15
C SER B 181 25.60 -15.53 4.08
N ILE B 182 25.05 -16.66 4.51
CA ILE B 182 24.82 -17.79 3.61
C ILE B 182 23.47 -18.49 3.79
N ALA B 183 23.25 -19.51 2.97
CA ALA B 183 22.03 -20.29 2.99
C ALA B 183 22.12 -21.44 4.02
N ARG B 184 20.98 -21.78 4.59
CA ARG B 184 20.91 -22.83 5.60
C ARG B 184 19.56 -23.52 5.39
N GLN B 185 19.57 -24.83 5.17
CA GLN B 185 18.32 -25.54 4.96
C GLN B 185 17.55 -25.63 6.28
N VAL B 186 16.26 -25.35 6.23
CA VAL B 186 15.42 -25.42 7.42
C VAL B 186 14.72 -26.77 7.43
N ALA B 187 14.46 -27.31 6.25
CA ALA B 187 13.79 -28.60 6.10
C ALA B 187 13.93 -29.11 4.67
N PRO B 188 14.01 -30.43 4.48
CA PRO B 188 14.14 -31.00 3.15
C PRO B 188 12.81 -30.99 2.37
N GLU B 189 12.88 -31.19 1.07
CA GLU B 189 11.69 -31.19 0.22
C GLU B 189 10.69 -32.29 0.60
N SER B 190 11.18 -33.34 1.25
CA SER B 190 10.31 -34.45 1.64
C SER B 190 9.52 -34.18 2.90
N HIS B 191 9.77 -33.04 3.53
CA HIS B 191 9.08 -32.70 4.76
C HIS B 191 7.58 -32.43 4.65
N TRP B 192 7.17 -31.62 3.68
CA TRP B 192 5.75 -31.30 3.50
C TRP B 192 5.28 -31.71 2.09
N PRO B 193 5.08 -33.01 1.88
CA PRO B 193 4.63 -33.54 0.57
C PRO B 193 3.38 -32.87 0.03
N GLU B 194 2.43 -32.59 0.91
CA GLU B 194 1.14 -31.99 0.57
C GLU B 194 1.14 -30.54 0.10
N LEU B 195 2.09 -29.74 0.56
CA LEU B 195 2.12 -28.33 0.16
C LEU B 195 2.22 -28.13 -1.35
N ARG B 196 1.42 -27.22 -1.87
CA ARG B 196 1.42 -26.91 -3.30
C ARG B 196 1.60 -25.42 -3.49
N VAL B 197 2.14 -25.05 -4.64
CA VAL B 197 2.36 -23.64 -4.93
C VAL B 197 1.79 -23.33 -6.30
N LEU B 198 1.09 -22.20 -6.38
CA LEU B 198 0.48 -21.75 -7.63
C LEU B 198 1.03 -20.36 -7.95
N ILE B 199 1.29 -20.10 -9.21
CA ILE B 199 1.78 -18.80 -9.62
C ILE B 199 0.76 -18.25 -10.60
N LEU B 200 0.02 -17.24 -10.17
CA LEU B 200 -0.98 -16.62 -11.00
C LEU B 200 -0.32 -15.46 -11.74
N VAL B 201 -0.10 -15.63 -13.03
CA VAL B 201 0.51 -14.59 -13.86
C VAL B 201 -0.61 -13.65 -14.30
N VAL B 202 -0.51 -12.42 -13.81
CA VAL B 202 -1.50 -11.40 -14.05
C VAL B 202 -1.26 -10.47 -15.23
N SER B 203 -2.33 -9.84 -15.70
CA SER B 203 -2.22 -8.89 -16.79
C SER B 203 -1.80 -7.59 -16.10
N ALA B 204 -0.71 -7.01 -16.58
CA ALA B 204 -0.19 -5.78 -15.99
C ALA B 204 0.54 -4.91 -17.01
N GLU B 205 0.79 -3.66 -16.64
CA GLU B 205 1.50 -2.73 -17.51
C GLU B 205 2.61 -1.92 -16.83
N LYS B 206 2.21 -0.92 -16.05
CA LYS B 206 3.16 -0.04 -15.36
C LYS B 206 4.58 -0.59 -15.27
N LYS B 207 5.52 0.10 -15.89
CA LYS B 207 6.91 -0.30 -15.86
C LYS B 207 7.25 -0.39 -14.38
N LEU B 208 7.55 -1.59 -13.91
CA LEU B 208 7.86 -1.80 -12.51
C LEU B 208 9.24 -1.22 -12.17
N THR B 209 9.43 -0.85 -10.92
CA THR B 209 10.73 -0.33 -10.52
C THR B 209 11.54 -1.56 -10.16
N GLY B 210 12.79 -1.62 -10.65
CA GLY B 210 13.64 -2.76 -10.36
C GLY B 210 13.79 -2.95 -8.86
N SER B 211 13.96 -4.19 -8.43
CA SER B 211 14.11 -4.50 -7.02
C SER B 211 15.40 -4.00 -6.35
N THR B 212 16.51 -3.94 -7.09
CA THR B 212 17.78 -3.48 -6.54
C THR B 212 17.69 -2.00 -6.21
N VAL B 213 17.21 -1.22 -7.18
CA VAL B 213 17.06 0.21 -7.01
C VAL B 213 15.93 0.51 -6.02
N GLY B 214 14.87 -0.30 -6.08
CA GLY B 214 13.76 -0.09 -5.20
C GLY B 214 14.09 -0.27 -3.73
N MET B 215 14.73 -1.38 -3.38
CA MET B 215 15.06 -1.63 -1.99
C MET B 215 16.12 -0.70 -1.44
N ARG B 216 17.04 -0.27 -2.30
CA ARG B 216 18.08 0.66 -1.87
C ARG B 216 17.35 1.95 -1.49
N ALA B 217 16.35 2.31 -2.30
CA ALA B 217 15.56 3.50 -2.04
C ALA B 217 14.78 3.35 -0.73
N SER B 218 14.35 2.12 -0.44
CA SER B 218 13.61 1.90 0.78
C SER B 218 14.49 2.07 2.00
N VAL B 219 15.68 1.48 1.97
CA VAL B 219 16.60 1.59 3.10
C VAL B 219 16.98 3.04 3.40
N GLU B 220 17.00 3.87 2.37
CA GLU B 220 17.37 5.27 2.55
C GLU B 220 16.24 6.16 3.03
N THR B 221 14.99 5.82 2.71
CA THR B 221 13.87 6.67 3.08
C THR B 221 12.73 6.09 3.90
N SER B 222 12.71 4.77 4.11
CA SER B 222 11.61 4.18 4.86
C SER B 222 11.86 3.89 6.33
N PRO B 223 11.25 4.68 7.21
CA PRO B 223 11.44 4.45 8.65
C PRO B 223 10.79 3.16 9.12
N LEU B 224 9.72 2.74 8.44
CA LEU B 224 9.06 1.50 8.84
C LEU B 224 9.94 0.29 8.50
N LEU B 225 10.71 0.38 7.42
CA LEU B 225 11.57 -0.74 7.05
C LEU B 225 12.59 -1.04 8.14
N ARG B 226 13.17 0.00 8.73
CA ARG B 226 14.15 -0.17 9.79
C ARG B 226 13.53 -0.92 10.97
N PHE B 227 12.32 -0.54 11.33
CA PHE B 227 11.63 -1.20 12.42
C PHE B 227 11.29 -2.63 12.02
N ARG B 228 10.99 -2.83 10.74
CA ARG B 228 10.67 -4.16 10.27
C ARG B 228 11.87 -5.07 10.49
N ALA B 229 13.04 -4.64 10.04
CA ALA B 229 14.25 -5.44 10.18
C ALA B 229 14.75 -5.62 11.60
N GLU B 230 14.66 -4.57 12.41
CA GLU B 230 15.15 -4.65 13.77
C GLU B 230 14.27 -5.42 14.74
N SER B 231 12.97 -5.23 14.67
CA SER B 231 12.09 -5.90 15.61
C SER B 231 11.03 -6.87 15.11
N VAL B 232 10.82 -6.94 13.79
CA VAL B 232 9.81 -7.86 13.29
C VAL B 232 10.37 -9.15 12.68
N VAL B 233 11.11 -9.01 11.58
CA VAL B 233 11.67 -10.16 10.88
C VAL B 233 12.30 -11.24 11.75
N PRO B 234 13.17 -10.86 12.70
CA PRO B 234 13.80 -11.89 13.54
C PRO B 234 12.80 -12.89 14.13
N ALA B 235 11.79 -12.39 14.85
CA ALA B 235 10.79 -13.25 15.46
C ALA B 235 9.99 -14.04 14.42
N ARG B 236 9.69 -13.41 13.29
CA ARG B 236 8.94 -14.08 12.24
C ARG B 236 9.75 -15.23 11.63
N MET B 237 11.06 -15.06 11.56
CA MET B 237 11.88 -16.13 11.03
C MET B 237 11.62 -17.34 11.91
N ALA B 238 11.76 -17.14 13.23
CA ALA B 238 11.56 -18.22 14.20
C ALA B 238 10.18 -18.88 14.10
N GLU B 239 9.12 -18.09 13.95
CA GLU B 239 7.79 -18.71 13.85
C GLU B 239 7.56 -19.40 12.50
N MET B 240 8.12 -18.84 11.43
CA MET B 240 7.96 -19.43 10.11
C MET B 240 8.63 -20.81 10.16
N ALA B 241 9.82 -20.86 10.74
CA ALA B 241 10.55 -22.11 10.86
C ALA B 241 9.72 -23.10 11.67
N ARG B 242 9.07 -22.60 12.72
CA ARG B 242 8.23 -23.42 13.59
C ARG B 242 6.97 -23.93 12.88
N CYS B 243 6.46 -23.16 11.91
CA CYS B 243 5.26 -23.57 11.15
C CYS B 243 5.61 -24.69 10.16
N ILE B 244 6.76 -24.56 9.53
CA ILE B 244 7.22 -25.54 8.58
C ILE B 244 7.48 -26.84 9.32
N ARG B 245 8.23 -26.72 10.40
CA ARG B 245 8.59 -27.87 11.24
C ARG B 245 7.34 -28.68 11.59
N GLU B 246 6.33 -28.01 12.16
CA GLU B 246 5.10 -28.65 12.58
C GLU B 246 4.03 -28.76 11.49
N ARG B 247 4.40 -28.48 10.24
CA ARG B 247 3.45 -28.53 9.13
C ARG B 247 2.10 -27.88 9.50
N ASP B 248 2.19 -26.75 10.20
CA ASP B 248 1.01 -26.01 10.62
C ASP B 248 0.64 -25.03 9.51
N PHE B 249 -0.11 -25.51 8.53
CA PHE B 249 -0.49 -24.67 7.40
C PHE B 249 -1.16 -23.35 7.72
N PRO B 250 -2.33 -23.37 8.38
CA PRO B 250 -2.99 -22.10 8.68
C PRO B 250 -2.09 -21.03 9.30
N SER B 251 -1.13 -21.42 10.14
CA SER B 251 -0.23 -20.44 10.75
C SER B 251 0.81 -20.04 9.71
N PHE B 252 1.25 -21.02 8.94
CA PHE B 252 2.22 -20.78 7.90
C PHE B 252 1.63 -19.82 6.87
N ALA B 253 0.33 -19.97 6.62
CA ALA B 253 -0.38 -19.16 5.64
C ALA B 253 -0.56 -17.72 6.08
N GLN B 254 -1.03 -17.56 7.31
CA GLN B 254 -1.25 -16.21 7.83
C GLN B 254 0.04 -15.41 7.90
N LEU B 255 1.10 -16.03 8.42
CA LEU B 255 2.39 -15.36 8.53
C LEU B 255 2.87 -14.96 7.13
N THR B 256 2.75 -15.89 6.18
CA THR B 256 3.18 -15.61 4.81
C THR B 256 2.44 -14.38 4.27
N MET B 257 1.13 -14.33 4.48
CA MET B 257 0.33 -13.19 4.01
C MET B 257 0.68 -11.90 4.73
N LYS B 258 0.87 -11.99 6.04
CA LYS B 258 1.20 -10.80 6.81
C LYS B 258 2.55 -10.25 6.37
N ASP B 259 3.50 -11.12 6.05
CA ASP B 259 4.80 -10.64 5.65
C ASP B 259 4.80 -10.10 4.22
N SER B 260 3.97 -10.68 3.36
CA SER B 260 3.91 -10.17 2.00
C SER B 260 3.38 -8.75 2.12
N ASN B 261 2.36 -8.59 2.95
CA ASN B 261 1.73 -7.29 3.15
C ASN B 261 2.65 -6.25 3.80
N GLN B 262 3.51 -6.66 4.73
CA GLN B 262 4.42 -5.72 5.37
C GLN B 262 5.50 -5.29 4.39
N PHE B 263 5.93 -6.21 3.54
CA PHE B 263 6.94 -5.89 2.54
C PHE B 263 6.39 -4.76 1.66
N HIS B 264 5.18 -4.95 1.13
CA HIS B 264 4.58 -3.94 0.28
C HIS B 264 4.23 -2.65 1.03
N ALA B 265 4.08 -2.76 2.35
CA ALA B 265 3.79 -1.59 3.16
C ALA B 265 5.05 -0.70 3.23
N THR B 266 6.22 -1.32 3.47
CA THR B 266 7.44 -0.54 3.55
C THR B 266 7.80 0.03 2.18
N CYS B 267 7.29 -0.59 1.12
CA CYS B 267 7.52 -0.10 -0.23
C CYS B 267 6.75 1.20 -0.39
N LEU B 268 5.55 1.22 0.16
CA LEU B 268 4.70 2.40 0.08
C LEU B 268 5.21 3.48 1.05
N ASP B 269 5.91 3.05 2.09
CA ASP B 269 6.47 3.98 3.09
C ASP B 269 7.77 4.56 2.53
N THR B 270 8.13 4.16 1.31
CA THR B 270 9.34 4.64 0.66
C THR B 270 9.07 6.00 0.01
N PHE B 271 10.10 6.82 -0.17
CA PHE B 271 9.92 8.13 -0.78
C PHE B 271 10.87 8.39 -1.96
N PRO B 272 10.32 8.52 -3.18
CA PRO B 272 8.89 8.42 -3.46
C PRO B 272 8.39 7.00 -3.18
N PRO B 273 7.07 6.83 -3.09
CA PRO B 273 6.53 5.49 -2.82
C PRO B 273 6.68 4.55 -4.02
N ILE B 274 6.82 3.26 -3.73
CA ILE B 274 6.93 2.23 -4.76
C ILE B 274 5.65 1.38 -4.74
N SER B 275 5.14 1.05 -5.93
CA SER B 275 3.91 0.27 -6.04
C SER B 275 4.05 -0.96 -6.92
N TYR B 276 3.84 -2.13 -6.33
CA TYR B 276 3.95 -3.40 -7.04
C TYR B 276 2.60 -4.10 -7.24
N LEU B 277 1.72 -3.99 -6.26
CA LEU B 277 0.41 -4.62 -6.34
C LEU B 277 -0.52 -3.82 -7.25
N ASN B 278 -1.19 -4.50 -8.17
CA ASN B 278 -2.14 -3.78 -9.03
C ASN B 278 -3.54 -4.25 -8.67
N ALA B 279 -4.53 -3.78 -9.43
CA ALA B 279 -5.92 -4.10 -9.18
C ALA B 279 -6.22 -5.60 -9.13
N ILE B 280 -5.63 -6.37 -10.03
CA ILE B 280 -5.85 -7.80 -10.05
C ILE B 280 -5.25 -8.41 -8.79
N SER B 281 -4.12 -7.85 -8.34
CA SER B 281 -3.46 -8.34 -7.13
C SER B 281 -4.44 -8.26 -5.96
N TRP B 282 -5.07 -7.11 -5.82
CA TRP B 282 -6.02 -6.94 -4.74
C TRP B 282 -7.24 -7.83 -4.84
N ARG B 283 -7.73 -8.07 -6.05
CA ARG B 283 -8.89 -8.93 -6.22
C ARG B 283 -8.52 -10.33 -5.74
N ILE B 284 -7.32 -10.77 -6.10
CA ILE B 284 -6.86 -12.08 -5.68
C ILE B 284 -6.76 -12.11 -4.16
N ILE B 285 -6.21 -11.06 -3.57
CA ILE B 285 -6.09 -11.01 -2.12
C ILE B 285 -7.47 -11.14 -1.48
N HIS B 286 -8.41 -10.34 -1.95
CA HIS B 286 -9.77 -10.39 -1.43
C HIS B 286 -10.35 -11.79 -1.64
N LEU B 287 -10.11 -12.36 -2.81
CA LEU B 287 -10.59 -13.71 -3.13
C LEU B 287 -10.15 -14.72 -2.08
N VAL B 288 -8.87 -14.65 -1.72
CA VAL B 288 -8.28 -15.55 -0.73
C VAL B 288 -8.94 -15.43 0.66
N HIS B 289 -9.11 -14.20 1.14
CA HIS B 289 -9.71 -14.01 2.44
C HIS B 289 -11.16 -14.46 2.47
N ARG B 290 -11.86 -14.23 1.35
CA ARG B 290 -13.26 -14.62 1.23
C ARG B 290 -13.38 -16.14 1.21
N PHE B 291 -12.49 -16.79 0.47
CA PHE B 291 -12.47 -18.25 0.36
C PHE B 291 -12.26 -18.84 1.76
N ASN B 292 -11.26 -18.33 2.48
CA ASN B 292 -10.98 -18.79 3.83
C ASN B 292 -12.17 -18.53 4.76
N ALA B 293 -12.77 -17.35 4.64
CA ALA B 293 -13.91 -17.02 5.48
C ALA B 293 -15.09 -17.96 5.22
N HIS B 294 -15.30 -18.33 3.96
CA HIS B 294 -16.39 -19.23 3.65
C HIS B 294 -16.19 -20.57 4.30
N HIS B 295 -14.95 -21.05 4.27
CA HIS B 295 -14.63 -22.35 4.84
C HIS B 295 -14.38 -22.34 6.34
N GLY B 296 -14.30 -21.15 6.93
CA GLY B 296 -14.05 -21.05 8.35
C GLY B 296 -12.68 -21.57 8.75
N ASP B 297 -11.66 -21.28 7.95
CA ASP B 297 -10.30 -21.73 8.22
C ASP B 297 -9.34 -21.19 7.17
N THR B 298 -8.07 -21.03 7.53
CA THR B 298 -7.11 -20.53 6.57
C THR B 298 -6.63 -21.71 5.72
N LYS B 299 -7.14 -21.79 4.49
CA LYS B 299 -6.78 -22.90 3.61
C LYS B 299 -5.89 -22.44 2.46
N VAL B 300 -5.81 -21.14 2.27
CA VAL B 300 -5.00 -20.59 1.20
C VAL B 300 -4.21 -19.38 1.66
N ALA B 301 -3.09 -19.13 1.01
CA ALA B 301 -2.29 -17.97 1.34
C ALA B 301 -1.71 -17.37 0.07
N TYR B 302 -1.45 -16.07 0.12
CA TYR B 302 -0.87 -15.36 -1.00
C TYR B 302 0.40 -14.65 -0.51
N THR B 303 1.28 -14.36 -1.44
CA THR B 303 2.51 -13.62 -1.16
C THR B 303 2.85 -13.01 -2.52
N PHE B 304 3.31 -11.77 -2.50
CA PHE B 304 3.66 -11.07 -3.73
C PHE B 304 5.12 -10.59 -3.68
N ASP B 305 5.84 -10.71 -4.78
CA ASP B 305 7.21 -10.23 -4.82
C ASP B 305 7.23 -8.81 -5.43
N ALA B 306 8.33 -8.41 -6.07
CA ALA B 306 8.40 -7.07 -6.68
C ALA B 306 7.64 -7.00 -8.00
N GLY B 307 6.37 -7.34 -7.97
CA GLY B 307 5.54 -7.32 -9.16
C GLY B 307 4.10 -7.65 -8.78
N PRO B 308 3.16 -7.53 -9.72
CA PRO B 308 1.78 -7.84 -9.36
C PRO B 308 1.38 -9.33 -9.38
N ASN B 309 2.28 -10.20 -9.84
CA ASN B 309 1.97 -11.64 -9.89
C ASN B 309 1.74 -12.24 -8.50
N ALA B 310 0.74 -13.10 -8.40
CA ALA B 310 0.41 -13.71 -7.13
C ALA B 310 0.91 -15.14 -6.97
N VAL B 311 1.57 -15.40 -5.85
CA VAL B 311 2.04 -16.74 -5.57
C VAL B 311 1.10 -17.22 -4.47
N ILE B 312 0.39 -18.32 -4.73
CA ILE B 312 -0.54 -18.89 -3.77
C ILE B 312 0.00 -20.16 -3.08
N PHE B 313 -0.18 -20.27 -1.77
CA PHE B 313 0.23 -21.50 -1.06
C PHE B 313 -1.06 -22.15 -0.57
N THR B 314 -1.15 -23.46 -0.74
CA THR B 314 -2.34 -24.20 -0.31
C THR B 314 -2.01 -25.70 -0.29
N LEU B 315 -2.76 -26.47 0.49
CA LEU B 315 -2.52 -27.90 0.55
C LEU B 315 -3.07 -28.57 -0.71
N ASP B 316 -2.56 -29.76 -1.01
CA ASP B 316 -3.00 -30.49 -2.20
C ASP B 316 -4.51 -30.71 -2.30
N ASP B 317 -5.15 -31.03 -1.20
CA ASP B 317 -6.58 -31.30 -1.22
C ASP B 317 -7.49 -30.11 -1.50
N THR B 318 -6.92 -28.91 -1.55
CA THR B 318 -7.77 -27.75 -1.82
C THR B 318 -7.40 -26.96 -3.09
N VAL B 319 -6.40 -27.42 -3.83
CA VAL B 319 -5.99 -26.72 -5.04
C VAL B 319 -7.08 -26.70 -6.11
N ALA B 320 -7.68 -27.86 -6.37
CA ALA B 320 -8.73 -28.00 -7.38
C ALA B 320 -9.84 -26.99 -7.18
N GLU B 321 -10.35 -26.89 -5.96
CA GLU B 321 -11.41 -25.94 -5.66
C GLU B 321 -10.90 -24.49 -5.78
N PHE B 322 -9.67 -24.22 -5.33
CA PHE B 322 -9.17 -22.86 -5.43
C PHE B 322 -8.92 -22.50 -6.88
N VAL B 323 -8.44 -23.45 -7.67
CA VAL B 323 -8.20 -23.17 -9.09
C VAL B 323 -9.54 -22.79 -9.71
N ALA B 324 -10.58 -23.54 -9.37
CA ALA B 324 -11.90 -23.25 -9.91
C ALA B 324 -12.38 -21.88 -9.47
N ALA B 325 -11.96 -21.46 -8.27
CA ALA B 325 -12.35 -20.17 -7.75
C ALA B 325 -11.70 -19.07 -8.57
N VAL B 326 -10.43 -19.25 -8.92
CA VAL B 326 -9.71 -18.25 -9.71
C VAL B 326 -10.30 -18.17 -11.12
N TRP B 327 -10.60 -19.34 -11.69
CA TRP B 327 -11.16 -19.41 -13.03
C TRP B 327 -12.44 -18.59 -13.06
N HIS B 328 -13.28 -18.77 -12.04
CA HIS B 328 -14.54 -18.06 -11.94
C HIS B 328 -14.36 -16.56 -11.67
N GLY B 329 -13.31 -16.21 -10.94
CA GLY B 329 -13.06 -14.81 -10.64
C GLY B 329 -12.45 -14.07 -11.82
N PHE B 330 -11.64 -14.79 -12.60
CA PHE B 330 -10.97 -14.24 -13.77
C PHE B 330 -11.09 -15.25 -14.93
N PRO B 331 -12.22 -15.26 -15.61
CA PRO B 331 -12.38 -16.22 -16.73
C PRO B 331 -11.42 -16.01 -17.88
N PRO B 332 -10.61 -17.03 -18.19
CA PRO B 332 -9.57 -17.11 -19.24
C PRO B 332 -9.97 -16.94 -20.71
N GLY B 333 -11.23 -17.21 -21.04
CA GLY B 333 -11.62 -17.08 -22.43
C GLY B 333 -11.05 -18.19 -23.28
N SER B 334 -11.75 -18.51 -24.37
CA SER B 334 -11.37 -19.59 -25.27
C SER B 334 -11.37 -20.86 -24.42
N ASN B 335 -12.28 -20.88 -23.45
CA ASN B 335 -12.45 -21.99 -22.53
C ASN B 335 -11.11 -22.39 -21.89
N GLY B 336 -10.30 -21.38 -21.57
CA GLY B 336 -9.02 -21.59 -20.94
C GLY B 336 -8.22 -22.77 -21.43
N ASP B 337 -8.08 -22.89 -22.74
CA ASP B 337 -7.33 -24.00 -23.32
C ASP B 337 -5.89 -24.08 -22.85
N THR B 338 -5.30 -22.92 -22.57
CA THR B 338 -3.91 -22.86 -22.11
C THR B 338 -3.82 -22.09 -20.78
N PHE B 339 -4.84 -22.23 -19.95
CA PHE B 339 -4.92 -21.53 -18.67
C PHE B 339 -4.16 -22.21 -17.52
N LEU B 340 -4.11 -23.53 -17.52
CA LEU B 340 -3.45 -24.28 -16.45
C LEU B 340 -2.15 -24.92 -16.89
N LYS B 341 -1.07 -24.63 -16.18
CA LYS B 341 0.24 -25.17 -16.53
C LYS B 341 0.89 -25.92 -15.38
N GLY B 342 1.94 -26.68 -15.70
CA GLY B 342 2.64 -27.44 -14.67
C GLY B 342 1.92 -28.71 -14.23
N LEU B 343 1.97 -29.02 -12.94
CA LEU B 343 1.28 -30.21 -12.42
C LEU B 343 -0.17 -30.19 -12.91
N GLN B 344 -0.58 -31.27 -13.56
CA GLN B 344 -1.92 -31.38 -14.08
C GLN B 344 -2.93 -31.37 -12.95
N VAL B 345 -4.02 -30.64 -13.14
CA VAL B 345 -5.06 -30.56 -12.14
C VAL B 345 -6.34 -30.09 -12.81
N ARG B 346 -7.44 -30.73 -12.48
CA ARG B 346 -8.70 -30.30 -13.05
C ARG B 346 -9.47 -29.52 -12.01
N PRO B 347 -10.01 -28.36 -12.40
CA PRO B 347 -10.78 -27.56 -11.45
C PRO B 347 -11.98 -28.32 -10.93
N ALA B 348 -12.37 -28.03 -9.70
CA ALA B 348 -13.53 -28.69 -9.09
C ALA B 348 -14.71 -27.79 -9.33
N PRO B 349 -15.83 -28.33 -9.82
CA PRO B 349 -16.94 -27.41 -10.03
C PRO B 349 -17.30 -26.66 -8.75
N LEU B 350 -17.49 -25.34 -8.87
CA LEU B 350 -17.83 -24.52 -7.72
C LEU B 350 -19.26 -24.63 -7.29
N SER B 351 -19.49 -24.67 -5.97
CA SER B 351 -20.86 -24.74 -5.47
C SER B 351 -21.43 -23.34 -5.54
N ALA B 352 -22.75 -23.25 -5.44
CA ALA B 352 -23.42 -21.96 -5.48
C ALA B 352 -23.09 -21.16 -4.22
N GLU B 353 -22.89 -21.86 -3.10
CA GLU B 353 -22.57 -21.19 -1.83
C GLU B 353 -21.24 -20.50 -1.91
N LEU B 354 -20.25 -21.20 -2.43
CA LEU B 354 -18.91 -20.63 -2.56
C LEU B 354 -18.92 -19.40 -3.47
N GLN B 355 -19.65 -19.46 -4.59
CA GLN B 355 -19.68 -18.31 -5.48
C GLN B 355 -20.28 -17.11 -4.76
N ALA B 356 -21.40 -17.32 -4.08
CA ALA B 356 -22.04 -16.23 -3.35
C ALA B 356 -21.11 -15.65 -2.28
N ALA B 357 -20.36 -16.52 -1.59
CA ALA B 357 -19.44 -16.08 -0.55
C ALA B 357 -18.30 -15.22 -1.10
N LEU B 358 -17.78 -15.59 -2.27
CA LEU B 358 -16.68 -14.83 -2.89
C LEU B 358 -17.19 -13.46 -3.35
N ALA B 359 -18.48 -13.38 -3.67
CA ALA B 359 -19.11 -12.13 -4.09
C ALA B 359 -18.27 -11.27 -5.03
N MET B 360 -17.75 -11.87 -6.10
CA MET B 360 -16.91 -11.13 -7.02
C MET B 360 -17.44 -11.17 -8.44
N GLU B 361 -17.56 -10.00 -9.07
CA GLU B 361 -18.03 -9.98 -10.44
C GLU B 361 -16.83 -10.38 -11.27
N PRO B 362 -17.06 -11.06 -12.41
CA PRO B 362 -16.01 -11.53 -13.32
C PRO B 362 -15.00 -10.49 -13.77
N THR B 363 -13.76 -10.94 -13.94
CA THR B 363 -12.70 -10.08 -14.44
C THR B 363 -11.97 -10.90 -15.50
N PRO B 364 -12.64 -11.10 -16.65
CA PRO B 364 -12.11 -11.85 -17.78
C PRO B 364 -10.71 -11.41 -18.20
N GLY B 365 -9.81 -12.38 -18.32
CA GLY B 365 -8.44 -12.10 -18.73
C GLY B 365 -7.55 -11.58 -17.61
N GLY B 366 -8.12 -11.36 -16.42
CA GLY B 366 -7.33 -10.87 -15.31
C GLY B 366 -6.09 -11.69 -15.02
N VAL B 367 -6.21 -12.99 -15.19
CA VAL B 367 -5.11 -13.91 -14.98
C VAL B 367 -4.83 -14.60 -16.31
N LYS B 368 -3.62 -14.41 -16.83
CA LYS B 368 -3.20 -14.96 -18.11
C LYS B 368 -3.09 -16.48 -18.05
N TYR B 369 -2.69 -17.01 -16.90
CA TYR B 369 -2.57 -18.44 -16.70
C TYR B 369 -2.07 -18.75 -15.30
N ILE B 370 -2.22 -20.01 -14.90
CA ILE B 370 -1.83 -20.48 -13.59
C ILE B 370 -0.81 -21.61 -13.70
N ILE B 371 0.31 -21.48 -12.99
CA ILE B 371 1.33 -22.51 -12.99
C ILE B 371 1.15 -23.28 -11.69
N VAL B 372 1.08 -24.60 -11.79
CA VAL B 372 0.89 -25.45 -10.62
C VAL B 372 2.15 -26.25 -10.30
N THR B 373 2.72 -26.02 -9.12
CA THR B 373 3.93 -26.75 -8.75
C THR B 373 3.92 -27.14 -7.27
N GLN B 374 5.08 -27.54 -6.76
CA GLN B 374 5.20 -27.97 -5.36
C GLN B 374 6.64 -27.76 -4.89
N VAL B 375 6.93 -28.20 -3.67
CA VAL B 375 8.26 -28.06 -3.12
C VAL B 375 9.21 -28.98 -3.89
N GLY B 376 10.39 -28.49 -4.22
CA GLY B 376 11.33 -29.29 -4.97
C GLY B 376 12.74 -29.38 -4.41
N PRO B 377 13.61 -30.19 -5.03
CA PRO B 377 15.00 -30.40 -4.61
C PRO B 377 15.94 -29.27 -5.06
N GLY B 378 17.16 -29.27 -4.54
CA GLY B 378 18.15 -28.27 -4.89
C GLY B 378 18.60 -28.43 -6.33
N PRO B 379 19.60 -27.66 -6.78
CA PRO B 379 20.08 -27.77 -8.16
C PRO B 379 20.57 -29.17 -8.55
N GLN B 380 20.36 -29.52 -9.82
CA GLN B 380 20.72 -30.85 -10.33
C GLN B 380 21.76 -30.88 -11.46
N ILE B 381 22.47 -32.00 -11.54
CA ILE B 381 23.47 -32.23 -12.59
C ILE B 381 22.79 -33.10 -13.63
N LEU B 382 22.84 -32.69 -14.90
CA LEU B 382 22.20 -33.48 -15.96
C LEU B 382 23.19 -34.47 -16.56
N ASP B 383 22.98 -35.75 -16.27
CA ASP B 383 23.84 -36.83 -16.75
C ASP B 383 23.67 -37.17 -18.22
N ASP B 384 22.61 -36.67 -18.84
CA ASP B 384 22.38 -36.97 -20.25
C ASP B 384 23.26 -36.12 -21.17
N PRO B 385 24.15 -36.79 -21.92
CA PRO B 385 25.10 -36.19 -22.86
C PRO B 385 24.45 -35.32 -23.93
N CYS B 386 23.16 -35.54 -24.17
CA CYS B 386 22.43 -34.78 -25.18
C CYS B 386 21.87 -33.47 -24.65
N ALA B 387 22.00 -33.24 -23.35
CA ALA B 387 21.45 -32.04 -22.71
C ALA B 387 22.24 -30.73 -22.85
N HIS B 388 23.54 -30.82 -23.13
CA HIS B 388 24.36 -29.62 -23.24
C HIS B 388 23.77 -28.53 -24.12
N LEU B 389 23.70 -27.31 -23.59
CA LEU B 389 23.17 -26.17 -24.33
C LEU B 389 24.09 -25.73 -25.46
N LEU B 390 25.32 -26.22 -25.44
CA LEU B 390 26.28 -25.90 -26.50
C LEU B 390 27.26 -27.04 -26.75
N GLY B 391 27.44 -27.38 -28.02
CA GLY B 391 28.37 -28.44 -28.36
C GLY B 391 29.79 -27.92 -28.27
N PRO B 392 30.67 -28.29 -29.21
CA PRO B 392 32.05 -27.78 -29.13
C PRO B 392 32.18 -26.35 -29.66
N ASP B 393 31.17 -25.51 -29.38
CA ASP B 393 31.17 -24.11 -29.84
C ASP B 393 30.36 -23.19 -28.94
N GLY B 394 29.04 -23.26 -29.05
CA GLY B 394 28.17 -22.41 -28.24
C GLY B 394 26.85 -22.11 -28.92
N LEU B 395 26.35 -23.05 -29.71
CA LEU B 395 25.08 -22.89 -30.42
C LEU B 395 24.11 -24.02 -30.09
N PRO B 396 22.87 -23.98 -30.64
CA PRO B 396 21.90 -25.04 -30.36
C PRO B 396 22.39 -26.42 -30.78
S SO4 C . -13.85 8.43 14.40
O1 SO4 C . -15.10 9.16 14.55
O2 SO4 C . -14.10 6.98 14.49
O3 SO4 C . -12.88 8.81 15.44
O4 SO4 C . -13.26 8.77 13.10
S SO4 D . 19.88 -8.44 -5.25
O1 SO4 D . 20.28 -8.95 -3.94
O2 SO4 D . 20.57 -9.17 -6.30
O3 SO4 D . 20.23 -7.01 -5.41
O4 SO4 D . 18.43 -8.52 -5.36
#